data_6FKO
#
_entry.id   6FKO
#
_cell.length_a   91.970
_cell.length_b   91.970
_cell.length_c   192.750
_cell.angle_alpha   90.00
_cell.angle_beta   90.00
_cell.angle_gamma   90.00
#
_symmetry.space_group_name_H-M   'P 41 21 2'
#
loop_
_entity.id
_entity.type
_entity.pdbx_description
1 polymer 'Adenylosuccinate synthetase'
2 non-polymer HADACIDIN
3 non-polymer "2'-DEOXYGUANOSINE-5'-MONOPHOSPHATE"
4 non-polymer 'CITRATE ANION'
5 non-polymer "ADENOSINE-5'-TRIPHOSPHATE"
6 water water
#
_entity_poly.entity_id   1
_entity_poly.type   'polypeptide(L)'
_entity_poly.pdbx_seq_one_letter_code
;MGSSHHHHHHSSGLVPRGSHMENVDLVIDLQFGSTGKGLIAGYLAEKNGYDTVINANMPNAGHTYINAEGRKWMHKVLPN
GIVSPNLKRVMLGAGSVFSINRLMEEIEMSKDLLHDKVAILIHPMATVLDEEAHKKAEVGIATSIGSTGQGSMAAMVEKL
QRDPTNNTIVARDVAQYDGRIAQYVCTVEEWDMALMASERILAEGAQGFSLSLNQEFYPYCTSRDCTPARFLADMGIPLP
MLNKVIGTARCHPIRVGGTSGGHYPDQEELTWEQLGQVPELTTVTKKVRRVFSFSFIQMQKAMWTCQPDEVFLNFCNYLS
PMGWQDIVHQIEVAAQSRYCDAEVKYLGFGPTFNDVELREDVM
;
_entity_poly.pdbx_strand_id   A,B
#
loop_
_chem_comp.id
_chem_comp.type
_chem_comp.name
_chem_comp.formula
ATP non-polymer ADENOSINE-5'-TRIPHOSPHATE 'C10 H16 N5 O13 P3'
DGP non-polymer 2'-DEOXYGUANOSINE-5'-MONOPHOSPHATE 'C10 H14 N5 O7 P'
FLC non-polymer 'CITRATE ANION' 'C6 H5 O7 -3'
HDA non-polymer HADACIDIN 'C3 H5 N O4'
#
# COMPACT_ATOMS: atom_id res chain seq x y z
N MET A 21 4.88 19.00 8.99
CA MET A 21 3.80 18.03 8.81
C MET A 21 4.05 16.68 9.51
N GLU A 22 5.32 16.40 9.93
CA GLU A 22 5.76 15.15 10.56
C GLU A 22 5.17 14.96 11.98
N ASN A 23 3.98 14.36 12.05
CA ASN A 23 3.31 14.20 13.34
C ASN A 23 2.73 12.81 13.60
N VAL A 24 3.05 11.82 12.74
CA VAL A 24 2.56 10.45 12.83
C VAL A 24 3.63 9.49 13.38
N ASP A 25 3.30 8.78 14.46
CA ASP A 25 4.13 7.72 15.00
C ASP A 25 3.45 6.43 14.59
N LEU A 26 4.14 5.60 13.83
CA LEU A 26 3.57 4.34 13.33
C LEU A 26 4.18 3.09 14.00
N VAL A 27 3.32 2.23 14.60
CA VAL A 27 3.76 0.97 15.24
C VAL A 27 3.76 -0.14 14.17
N ILE A 28 4.92 -0.81 13.96
CA ILE A 28 5.04 -1.89 12.97
C ILE A 28 5.66 -3.18 13.57
N ASP A 29 5.17 -4.36 13.16
CA ASP A 29 5.72 -5.64 13.63
C ASP A 29 6.88 -6.08 12.71
N LEU A 30 8.01 -6.47 13.31
CA LEU A 30 9.20 -6.87 12.55
C LEU A 30 9.36 -8.37 12.29
N GLN A 31 8.42 -9.21 12.82
CA GLN A 31 8.54 -10.66 12.66
C GLN A 31 7.28 -11.32 12.05
N PHE A 32 6.67 -12.34 12.71
CA PHE A 32 5.48 -13.02 12.20
C PHE A 32 4.19 -12.63 12.99
N GLY A 33 4.21 -11.51 13.69
CA GLY A 33 3.07 -11.06 14.49
C GLY A 33 3.14 -11.48 15.94
N SER A 34 2.14 -11.05 16.72
CA SER A 34 1.97 -11.31 18.18
C SER A 34 3.21 -10.93 19.02
N THR A 35 3.85 -9.80 18.64
CA THR A 35 5.04 -9.26 19.31
C THR A 35 4.69 -8.38 20.50
N GLY A 36 3.44 -7.95 20.60
CA GLY A 36 2.97 -7.05 21.64
C GLY A 36 2.79 -5.62 21.18
N LYS A 37 2.25 -5.43 19.95
CA LYS A 37 1.95 -4.10 19.41
C LYS A 37 0.88 -3.40 20.26
N GLY A 38 -0.08 -4.18 20.79
CA GLY A 38 -1.15 -3.64 21.63
C GLY A 38 -0.64 -2.98 22.90
N LEU A 39 0.37 -3.61 23.54
CA LEU A 39 1.00 -3.12 24.75
C LEU A 39 1.78 -1.81 24.48
N ILE A 40 2.67 -1.80 23.48
CA ILE A 40 3.46 -0.60 23.18
C ILE A 40 2.57 0.57 22.71
N ALA A 41 1.48 0.31 21.92
CA ALA A 41 0.51 1.32 21.48
C ALA A 41 -0.18 1.99 22.66
N GLY A 42 -0.59 1.20 23.66
CA GLY A 42 -1.24 1.71 24.86
C GLY A 42 -0.25 2.46 25.74
N TYR A 43 0.99 1.96 25.83
CA TYR A 43 2.07 2.59 26.61
C TYR A 43 2.42 3.96 26.02
N LEU A 44 2.62 4.03 24.67
CA LEU A 44 2.94 5.27 23.93
C LEU A 44 1.80 6.29 23.99
N ALA A 45 0.52 5.83 23.94
CA ALA A 45 -0.68 6.69 24.03
C ALA A 45 -0.74 7.43 25.39
N GLU A 46 -0.49 6.71 26.49
CA GLU A 46 -0.47 7.28 27.85
C GLU A 46 0.69 8.25 28.07
N LYS A 47 1.87 7.93 27.50
CA LYS A 47 3.08 8.74 27.62
C LYS A 47 3.09 9.98 26.72
N ASN A 48 2.68 9.84 25.43
CA ASN A 48 2.77 10.95 24.47
C ASN A 48 1.48 11.77 24.29
N GLY A 49 0.34 11.25 24.75
CA GLY A 49 -0.94 11.95 24.72
C GLY A 49 -1.44 12.42 23.36
N TYR A 50 -1.44 11.51 22.34
CA TYR A 50 -1.95 11.80 20.99
C TYR A 50 -3.43 12.18 21.02
N ASP A 51 -3.81 13.16 20.19
CA ASP A 51 -5.21 13.57 20.05
C ASP A 51 -5.94 12.66 19.05
N THR A 52 -5.19 12.11 18.10
CA THR A 52 -5.71 11.20 17.07
C THR A 52 -5.04 9.83 17.12
N VAL A 53 -5.87 8.77 17.16
CA VAL A 53 -5.46 7.36 17.09
C VAL A 53 -6.14 6.74 15.86
N ILE A 54 -5.34 6.07 15.01
CA ILE A 54 -5.78 5.52 13.73
C ILE A 54 -5.20 4.12 13.47
N ASN A 55 -5.96 3.28 12.74
CA ASN A 55 -5.56 1.91 12.36
C ASN A 55 -6.30 1.48 11.09
N ALA A 56 -6.05 0.24 10.66
CA ALA A 56 -6.67 -0.43 9.49
C ALA A 56 -6.66 -1.92 9.80
N ASN A 57 -7.32 -2.31 10.87
CA ASN A 57 -7.33 -3.71 11.30
C ASN A 57 -8.28 -4.57 10.50
N MET A 58 -7.93 -5.87 10.34
CA MET A 58 -8.80 -6.89 9.79
C MET A 58 -9.04 -7.89 10.96
N PRO A 59 -10.07 -8.77 10.94
CA PRO A 59 -10.34 -9.60 12.12
C PRO A 59 -9.40 -10.78 12.38
N ASN A 60 -8.24 -10.85 11.71
CA ASN A 60 -7.26 -11.93 11.88
C ASN A 60 -6.91 -12.24 13.32
N ALA A 61 -6.50 -11.23 14.08
CA ALA A 61 -6.14 -11.40 15.50
C ALA A 61 -6.31 -10.09 16.28
N GLY A 62 -6.41 -10.23 17.59
CA GLY A 62 -6.59 -9.11 18.51
C GLY A 62 -5.32 -8.41 18.94
N HIS A 63 -5.49 -7.34 19.73
CA HIS A 63 -4.43 -6.51 20.27
C HIS A 63 -4.79 -6.25 21.72
N THR A 64 -3.86 -6.60 22.63
CA THR A 64 -4.07 -6.48 24.06
C THR A 64 -3.21 -5.42 24.73
N TYR A 65 -3.86 -4.60 25.56
CA TYR A 65 -3.22 -3.61 26.41
C TYR A 65 -3.76 -3.74 27.81
N ILE A 66 -2.86 -3.74 28.79
CA ILE A 66 -3.18 -3.78 30.20
C ILE A 66 -2.45 -2.58 30.81
N ASN A 67 -3.19 -1.64 31.45
CA ASN A 67 -2.62 -0.41 32.06
C ASN A 67 -1.94 -0.68 33.43
N ALA A 68 -1.55 0.38 34.18
CA ALA A 68 -0.87 0.24 35.48
C ALA A 68 -1.76 -0.29 36.60
N GLU A 69 -3.10 -0.13 36.47
CA GLU A 69 -4.10 -0.56 37.45
C GLU A 69 -4.61 -2.00 37.22
N GLY A 70 -4.26 -2.58 36.08
CA GLY A 70 -4.69 -3.93 35.74
C GLY A 70 -5.88 -4.00 34.81
N ARG A 71 -6.42 -2.83 34.38
CA ARG A 71 -7.51 -2.75 33.41
C ARG A 71 -6.99 -3.25 32.05
N LYS A 72 -7.78 -4.13 31.40
CA LYS A 72 -7.46 -4.81 30.16
C LYS A 72 -8.39 -4.46 28.99
N TRP A 73 -7.78 -4.21 27.81
CA TRP A 73 -8.47 -3.98 26.56
C TRP A 73 -7.98 -5.05 25.58
N MET A 74 -8.91 -5.76 24.97
CA MET A 74 -8.61 -6.77 23.95
C MET A 74 -9.43 -6.31 22.73
N HIS A 75 -8.77 -5.66 21.77
CA HIS A 75 -9.41 -5.09 20.59
C HIS A 75 -9.12 -5.82 19.27
N LYS A 76 -10.13 -5.87 18.38
CA LYS A 76 -9.99 -6.35 17.00
C LYS A 76 -10.33 -5.22 16.01
N VAL A 77 -11.04 -4.19 16.51
CA VAL A 77 -11.49 -3.04 15.71
C VAL A 77 -10.82 -1.73 16.15
N LEU A 78 -11.19 -1.23 17.34
CA LEU A 78 -10.66 0.03 17.88
C LEU A 78 -9.17 0.00 18.18
N PRO A 79 -8.43 1.10 17.88
CA PRO A 79 -7.01 1.14 18.27
C PRO A 79 -6.85 1.04 19.80
N ASN A 80 -5.69 0.54 20.27
CA ASN A 80 -5.42 0.45 21.72
C ASN A 80 -5.08 1.82 22.31
N GLY A 81 -4.70 2.76 21.44
CA GLY A 81 -4.34 4.12 21.79
C GLY A 81 -5.47 4.98 22.34
N ILE A 82 -6.73 4.47 22.39
CA ILE A 82 -7.90 5.20 22.93
C ILE A 82 -7.72 5.56 24.43
N VAL A 83 -6.68 4.97 25.07
CA VAL A 83 -6.27 5.22 26.46
C VAL A 83 -5.52 6.55 26.61
N SER A 84 -5.28 7.26 25.49
CA SER A 84 -4.61 8.56 25.50
C SER A 84 -5.40 9.59 26.30
N PRO A 85 -4.73 10.28 27.24
CA PRO A 85 -5.43 11.30 28.06
C PRO A 85 -5.94 12.53 27.27
N ASN A 86 -5.41 12.75 26.06
CA ASN A 86 -5.79 13.86 25.18
C ASN A 86 -6.60 13.41 23.96
N LEU A 87 -7.22 12.22 24.01
CA LEU A 87 -8.01 11.67 22.89
C LEU A 87 -9.15 12.60 22.40
N LYS A 88 -9.19 12.85 21.08
CA LYS A 88 -10.18 13.68 20.37
C LYS A 88 -10.77 12.93 19.17
N ARG A 89 -9.93 12.14 18.46
CA ARG A 89 -10.34 11.41 17.25
C ARG A 89 -9.89 9.95 17.25
N VAL A 90 -10.80 9.06 16.84
CA VAL A 90 -10.56 7.63 16.71
C VAL A 90 -10.93 7.33 15.25
N MET A 91 -9.94 6.89 14.46
CA MET A 91 -10.09 6.73 13.02
C MET A 91 -9.87 5.29 12.53
N LEU A 92 -10.88 4.72 11.83
CA LEU A 92 -10.83 3.36 11.29
C LEU A 92 -10.66 3.45 9.78
N GLY A 93 -9.42 3.20 9.31
CA GLY A 93 -8.99 3.30 7.92
C GLY A 93 -9.78 2.53 6.89
N ALA A 94 -9.62 2.92 5.61
CA ALA A 94 -10.26 2.29 4.45
C ALA A 94 -9.88 0.81 4.28
N GLY A 95 -8.71 0.41 4.80
CA GLY A 95 -8.20 -0.96 4.78
C GLY A 95 -8.78 -1.84 5.87
N SER A 96 -9.60 -1.25 6.76
CA SER A 96 -10.28 -1.95 7.85
C SER A 96 -11.32 -2.96 7.35
N VAL A 97 -11.39 -4.10 8.06
CA VAL A 97 -12.40 -5.14 7.87
C VAL A 97 -12.91 -5.38 9.27
N PHE A 98 -14.19 -5.08 9.53
CA PHE A 98 -14.70 -5.18 10.89
C PHE A 98 -16.12 -5.73 11.03
N SER A 99 -16.35 -6.38 12.19
CA SER A 99 -17.66 -6.84 12.61
C SER A 99 -18.34 -5.67 13.32
N ILE A 100 -19.57 -5.31 12.89
CA ILE A 100 -20.34 -4.23 13.54
C ILE A 100 -20.68 -4.60 15.01
N ASN A 101 -21.09 -5.86 15.28
CA ASN A 101 -21.38 -6.35 16.63
C ASN A 101 -20.18 -6.14 17.56
N ARG A 102 -18.96 -6.50 17.06
CA ARG A 102 -17.71 -6.35 17.80
C ARG A 102 -17.37 -4.89 18.09
N LEU A 103 -17.50 -4.00 17.07
CA LEU A 103 -17.29 -2.56 17.22
C LEU A 103 -18.24 -2.00 18.30
N MET A 104 -19.53 -2.40 18.28
CA MET A 104 -20.53 -1.97 19.27
C MET A 104 -20.08 -2.33 20.69
N GLU A 105 -19.58 -3.58 20.88
CA GLU A 105 -19.09 -4.08 22.16
C GLU A 105 -17.84 -3.34 22.66
N GLU A 106 -16.89 -3.06 21.74
CA GLU A 106 -15.66 -2.33 22.04
C GLU A 106 -15.94 -0.88 22.46
N ILE A 107 -16.87 -0.19 21.76
CA ILE A 107 -17.29 1.18 22.10
C ILE A 107 -17.91 1.20 23.49
N GLU A 108 -18.83 0.25 23.74
CA GLU A 108 -19.54 0.12 25.00
C GLU A 108 -18.58 -0.10 26.18
N MET A 109 -17.59 -1.01 26.02
CA MET A 109 -16.58 -1.34 27.03
C MET A 109 -15.72 -0.15 27.45
N SER A 110 -15.46 0.78 26.53
CA SER A 110 -14.66 1.96 26.77
C SER A 110 -15.50 3.25 26.64
N LYS A 111 -16.79 3.19 27.03
CA LYS A 111 -17.75 4.31 27.00
C LYS A 111 -17.24 5.54 27.77
N ASP A 112 -16.54 5.32 28.89
CA ASP A 112 -15.93 6.34 29.74
C ASP A 112 -14.85 7.14 28.99
N LEU A 113 -14.07 6.47 28.13
CA LEU A 113 -13.00 7.07 27.33
C LEU A 113 -13.54 7.73 26.06
N LEU A 114 -14.59 7.13 25.48
CA LEU A 114 -15.21 7.59 24.24
C LEU A 114 -16.44 8.47 24.52
N HIS A 115 -16.22 9.53 25.32
CA HIS A 115 -17.24 10.49 25.77
C HIS A 115 -17.71 11.40 24.61
N ASP A 116 -18.60 12.36 24.91
CA ASP A 116 -19.20 13.36 24.00
C ASP A 116 -18.19 14.14 23.14
N LYS A 117 -17.00 14.45 23.69
CA LYS A 117 -15.96 15.21 22.99
C LYS A 117 -14.99 14.32 22.13
N VAL A 118 -15.28 13.01 21.95
CA VAL A 118 -14.45 12.13 21.11
C VAL A 118 -15.20 11.78 19.82
N ALA A 119 -14.61 12.09 18.66
CA ALA A 119 -15.20 11.75 17.38
C ALA A 119 -14.66 10.39 16.88
N ILE A 120 -15.55 9.44 16.60
CA ILE A 120 -15.24 8.13 16.02
C ILE A 120 -15.57 8.26 14.52
N LEU A 121 -14.55 8.07 13.68
CA LEU A 121 -14.66 8.20 12.23
C LEU A 121 -14.36 6.88 11.54
N ILE A 122 -15.35 6.37 10.80
CA ILE A 122 -15.19 5.13 10.01
C ILE A 122 -15.08 5.58 8.55
N HIS A 123 -13.94 5.24 7.90
CA HIS A 123 -13.74 5.58 6.49
C HIS A 123 -14.93 5.03 5.66
N PRO A 124 -15.50 5.81 4.71
CA PRO A 124 -16.66 5.29 3.95
C PRO A 124 -16.42 3.95 3.22
N MET A 125 -15.16 3.67 2.83
CA MET A 125 -14.78 2.47 2.10
C MET A 125 -14.22 1.35 3.01
N ALA A 126 -14.25 1.52 4.37
CA ALA A 126 -13.92 0.44 5.31
C ALA A 126 -14.93 -0.72 5.05
N THR A 127 -14.49 -1.98 5.18
CA THR A 127 -15.29 -3.17 4.85
C THR A 127 -16.02 -3.79 6.07
N VAL A 128 -17.33 -4.04 5.88
CA VAL A 128 -18.20 -4.64 6.89
C VAL A 128 -18.12 -6.17 6.73
N LEU A 129 -17.70 -6.86 7.80
CA LEU A 129 -17.61 -8.32 7.82
C LEU A 129 -19.00 -8.96 7.89
N ASP A 130 -19.25 -9.94 7.01
CA ASP A 130 -20.44 -10.78 7.00
C ASP A 130 -19.92 -12.06 7.70
N GLU A 131 -20.05 -12.13 9.04
CA GLU A 131 -19.53 -13.22 9.88
C GLU A 131 -19.81 -14.62 9.35
N GLU A 132 -21.06 -14.88 8.88
CA GLU A 132 -21.43 -16.19 8.32
C GLU A 132 -20.69 -16.50 7.02
N ALA A 133 -20.99 -15.75 5.92
CA ALA A 133 -20.42 -15.92 4.59
C ALA A 133 -18.90 -15.79 4.47
N HIS A 134 -18.29 -14.77 5.09
CA HIS A 134 -16.84 -14.53 4.95
C HIS A 134 -15.98 -15.57 5.70
N LYS A 135 -16.43 -16.05 6.87
CA LYS A 135 -15.69 -17.09 7.60
C LYS A 135 -15.87 -18.47 6.96
N LYS A 136 -17.08 -18.76 6.41
CA LYS A 136 -17.38 -20.02 5.72
C LYS A 136 -16.49 -20.21 4.50
N ALA A 137 -16.19 -19.10 3.79
CA ALA A 137 -15.33 -19.09 2.61
C ALA A 137 -13.85 -19.42 2.93
N GLU A 138 -13.41 -19.18 4.17
CA GLU A 138 -12.03 -19.38 4.61
C GLU A 138 -11.77 -20.70 5.39
N VAL A 139 -12.79 -21.58 5.53
CA VAL A 139 -12.69 -22.87 6.23
C VAL A 139 -11.54 -23.75 5.67
N GLY A 140 -11.39 -23.77 4.34
CA GLY A 140 -10.35 -24.50 3.62
C GLY A 140 -8.93 -24.09 3.98
N ILE A 141 -8.61 -22.78 3.83
CA ILE A 141 -7.29 -22.21 4.11
C ILE A 141 -6.97 -22.22 5.61
N ALA A 142 -8.00 -22.22 6.48
CA ALA A 142 -7.84 -22.29 7.93
C ALA A 142 -7.04 -23.56 8.33
N THR A 143 -7.12 -24.63 7.49
CA THR A 143 -6.35 -25.85 7.68
C THR A 143 -5.11 -25.88 6.73
N SER A 144 -5.31 -25.65 5.42
CA SER A 144 -4.24 -25.71 4.41
C SER A 144 -3.03 -24.76 4.65
N ILE A 145 -3.29 -23.52 5.10
CA ILE A 145 -2.19 -22.56 5.36
C ILE A 145 -2.16 -22.11 6.84
N GLY A 146 -2.99 -22.71 7.68
CA GLY A 146 -3.10 -22.31 9.08
C GLY A 146 -3.67 -20.90 9.23
N SER A 147 -4.49 -20.46 8.24
CA SER A 147 -5.15 -19.15 8.24
C SER A 147 -6.02 -19.02 9.49
N THR A 148 -6.12 -17.79 10.04
CA THR A 148 -6.98 -17.53 11.21
C THR A 148 -8.47 -17.86 10.89
N GLY A 149 -8.82 -17.87 9.60
CA GLY A 149 -10.17 -18.14 9.11
C GLY A 149 -11.20 -17.15 9.60
N GLN A 150 -10.80 -15.87 9.76
CA GLN A 150 -11.67 -14.81 10.32
C GLN A 150 -12.51 -14.06 9.28
N GLY A 151 -12.33 -14.41 8.01
CA GLY A 151 -13.09 -13.83 6.90
C GLY A 151 -12.46 -12.60 6.28
N SER A 152 -11.25 -12.23 6.74
CA SER A 152 -10.51 -11.02 6.29
C SER A 152 -10.36 -10.90 4.77
N MET A 153 -9.81 -11.93 4.11
CA MET A 153 -9.62 -11.96 2.66
C MET A 153 -10.94 -12.09 1.89
N ALA A 154 -11.89 -12.95 2.36
CA ALA A 154 -13.20 -13.11 1.71
C ALA A 154 -13.96 -11.78 1.66
N ALA A 155 -13.87 -10.97 2.76
CA ALA A 155 -14.50 -9.65 2.83
C ALA A 155 -13.78 -8.68 1.85
N MET A 156 -12.42 -8.71 1.86
CA MET A 156 -11.56 -7.91 0.98
C MET A 156 -11.90 -8.17 -0.51
N VAL A 157 -12.08 -9.45 -0.90
CA VAL A 157 -12.41 -9.90 -2.25
C VAL A 157 -13.76 -9.36 -2.68
N GLU A 158 -14.78 -9.43 -1.80
CA GLU A 158 -16.12 -8.91 -2.08
C GLU A 158 -16.07 -7.42 -2.39
N LYS A 159 -15.25 -6.63 -1.65
CA LYS A 159 -15.07 -5.20 -1.92
C LYS A 159 -14.41 -5.00 -3.29
N LEU A 160 -13.39 -5.81 -3.62
CA LEU A 160 -12.63 -5.74 -4.87
C LEU A 160 -13.45 -6.04 -6.11
N GLN A 161 -14.53 -6.82 -5.96
CA GLN A 161 -15.42 -7.20 -7.05
C GLN A 161 -16.16 -6.00 -7.67
N ARG A 162 -16.35 -4.91 -6.87
CA ARG A 162 -16.91 -3.61 -7.29
C ARG A 162 -18.24 -3.74 -8.10
N ASP A 163 -19.16 -4.59 -7.61
CA ASP A 163 -20.46 -4.81 -8.22
C ASP A 163 -21.36 -3.63 -7.78
N PRO A 164 -21.86 -2.79 -8.72
CA PRO A 164 -22.72 -1.66 -8.30
C PRO A 164 -24.05 -2.04 -7.64
N THR A 165 -24.50 -3.30 -7.79
CA THR A 165 -25.72 -3.79 -7.14
C THR A 165 -25.46 -4.21 -5.70
N ASN A 166 -24.19 -4.41 -5.30
CA ASN A 166 -23.85 -4.79 -3.94
C ASN A 166 -23.66 -3.60 -2.98
N ASN A 167 -24.71 -3.28 -2.22
CA ASN A 167 -24.74 -2.19 -1.23
C ASN A 167 -24.53 -2.72 0.22
N THR A 168 -23.94 -3.91 0.36
CA THR A 168 -23.76 -4.59 1.66
C THR A 168 -22.29 -4.79 2.06
N ILE A 169 -21.32 -4.22 1.32
CA ILE A 169 -19.92 -4.50 1.66
C ILE A 169 -19.16 -3.27 2.27
N VAL A 170 -19.29 -2.06 1.69
CA VAL A 170 -18.59 -0.88 2.23
C VAL A 170 -19.45 -0.14 3.27
N ALA A 171 -18.79 0.41 4.32
CA ALA A 171 -19.41 1.15 5.43
C ALA A 171 -20.43 2.22 5.00
N ARG A 172 -20.09 3.00 3.96
CA ARG A 172 -20.94 4.03 3.38
C ARG A 172 -22.34 3.48 2.99
N ASP A 173 -22.38 2.32 2.30
CA ASP A 173 -23.62 1.69 1.85
C ASP A 173 -24.37 0.97 2.99
N VAL A 174 -23.64 0.21 3.84
CA VAL A 174 -24.18 -0.55 4.98
C VAL A 174 -24.95 0.38 5.96
N ALA A 175 -24.37 1.60 6.22
CA ALA A 175 -24.92 2.66 7.08
C ALA A 175 -26.32 3.15 6.63
N GLN A 176 -26.69 2.98 5.32
CA GLN A 176 -28.02 3.36 4.80
C GLN A 176 -29.16 2.46 5.30
N TYR A 177 -28.85 1.26 5.83
CA TYR A 177 -29.86 0.35 6.36
C TYR A 177 -29.53 -0.14 7.79
N ASP A 178 -28.26 -0.01 8.20
CA ASP A 178 -27.80 -0.39 9.53
C ASP A 178 -27.29 0.89 10.21
N GLY A 179 -28.20 1.52 10.95
CA GLY A 179 -28.00 2.78 11.64
C GLY A 179 -27.02 2.77 12.79
N ARG A 180 -26.53 1.57 13.22
CA ARG A 180 -25.55 1.42 14.32
C ARG A 180 -24.22 2.14 14.00
N ILE A 181 -23.91 2.31 12.71
CA ILE A 181 -22.65 2.92 12.26
C ILE A 181 -22.86 4.24 11.52
N ALA A 182 -24.11 4.61 11.17
CA ALA A 182 -24.47 5.82 10.41
C ALA A 182 -23.89 7.14 10.99
N GLN A 183 -23.85 7.28 12.34
CA GLN A 183 -23.26 8.46 13.01
C GLN A 183 -21.73 8.51 12.87
N TYR A 184 -21.06 7.35 12.67
CA TYR A 184 -19.61 7.26 12.59
C TYR A 184 -19.02 7.35 11.19
N VAL A 185 -19.77 6.86 10.17
CA VAL A 185 -19.31 6.84 8.79
C VAL A 185 -19.20 8.27 8.24
N CYS A 186 -18.00 8.66 7.81
CA CYS A 186 -17.70 10.00 7.32
C CYS A 186 -17.54 9.98 5.80
N THR A 187 -17.22 11.15 5.20
CA THR A 187 -16.92 11.26 3.78
C THR A 187 -15.37 11.19 3.63
N VAL A 188 -14.85 11.08 2.40
CA VAL A 188 -13.41 11.09 2.15
C VAL A 188 -12.83 12.48 2.52
N GLU A 189 -13.59 13.56 2.23
CA GLU A 189 -13.22 14.94 2.58
C GLU A 189 -13.07 15.13 4.11
N GLU A 190 -14.05 14.60 4.90
CA GLU A 190 -14.03 14.62 6.38
C GLU A 190 -12.80 13.85 6.91
N TRP A 191 -12.44 12.74 6.25
CA TRP A 191 -11.28 11.92 6.59
C TRP A 191 -9.97 12.72 6.47
N ASP A 192 -9.76 13.38 5.30
CA ASP A 192 -8.57 14.21 5.04
C ASP A 192 -8.48 15.40 6.01
N MET A 193 -9.65 16.04 6.32
CA MET A 193 -9.74 17.18 7.24
C MET A 193 -9.44 16.80 8.69
N ALA A 194 -9.87 15.59 9.11
CA ALA A 194 -9.62 15.05 10.45
C ALA A 194 -8.11 14.87 10.66
N LEU A 195 -7.42 14.37 9.64
CA LEU A 195 -5.99 14.19 9.69
C LEU A 195 -5.27 15.53 9.66
N MET A 196 -5.75 16.46 8.84
CA MET A 196 -5.20 17.80 8.75
C MET A 196 -5.30 18.57 10.07
N ALA A 197 -6.42 18.44 10.74
CA ALA A 197 -6.68 19.11 12.00
C ALA A 197 -6.00 18.49 13.22
N SER A 198 -5.50 17.28 13.08
CA SER A 198 -4.80 16.57 14.15
C SER A 198 -3.46 17.21 14.52
N GLU A 199 -3.12 17.22 15.81
CA GLU A 199 -1.83 17.77 16.27
C GLU A 199 -0.77 16.65 16.30
N ARG A 200 -1.08 15.52 16.94
CA ARG A 200 -0.17 14.37 17.02
C ARG A 200 -0.94 13.07 16.81
N ILE A 201 -0.44 12.22 15.91
CA ILE A 201 -1.11 10.98 15.51
C ILE A 201 -0.34 9.70 15.84
N LEU A 202 -1.04 8.72 16.43
CA LEU A 202 -0.55 7.37 16.67
C LEU A 202 -1.27 6.45 15.64
N ALA A 203 -0.49 5.89 14.70
CA ALA A 203 -0.97 4.94 13.67
C ALA A 203 -0.56 3.52 14.10
N GLU A 204 -1.55 2.64 14.24
CA GLU A 204 -1.33 1.28 14.72
C GLU A 204 -1.40 0.23 13.63
N GLY A 205 -0.24 -0.34 13.29
CA GLY A 205 -0.14 -1.41 12.30
C GLY A 205 -0.48 -2.73 12.94
N ALA A 206 -0.79 -3.73 12.12
CA ALA A 206 -1.22 -5.06 12.60
C ALA A 206 -0.38 -6.16 11.96
N GLN A 207 -0.57 -7.42 12.41
CA GLN A 207 0.03 -8.65 11.85
C GLN A 207 1.57 -8.61 11.94
N GLY A 208 2.29 -8.99 10.88
CA GLY A 208 3.75 -9.03 10.91
C GLY A 208 4.46 -8.90 9.60
N PHE A 209 5.69 -8.34 9.62
CA PHE A 209 6.52 -8.16 8.41
C PHE A 209 6.61 -9.43 7.54
N SER A 210 6.99 -10.57 8.15
CA SER A 210 7.19 -11.86 7.48
C SER A 210 5.90 -12.52 7.00
N LEU A 211 4.73 -12.03 7.48
CA LEU A 211 3.42 -12.50 7.06
C LEU A 211 2.97 -11.78 5.78
N SER A 212 3.71 -10.71 5.36
CA SER A 212 3.37 -9.94 4.16
C SER A 212 3.12 -10.85 2.98
N LEU A 213 2.05 -10.55 2.23
CA LEU A 213 1.66 -11.25 1.00
C LEU A 213 2.86 -11.38 0.03
N ASN A 214 3.74 -10.35 0.02
CA ASN A 214 4.88 -10.31 -0.91
C ASN A 214 6.25 -10.58 -0.29
N GLN A 215 6.25 -11.21 0.90
CA GLN A 215 7.49 -11.73 1.47
C GLN A 215 7.65 -13.18 0.92
N GLU A 216 8.72 -13.91 1.28
CA GLU A 216 9.06 -15.19 0.63
C GLU A 216 8.24 -16.46 1.01
N PHE A 217 7.31 -16.37 1.97
CA PHE A 217 6.59 -17.56 2.42
C PHE A 217 5.30 -17.88 1.67
N TYR A 218 4.88 -17.03 0.71
CA TYR A 218 3.66 -17.22 -0.12
C TYR A 218 3.49 -18.70 -0.55
N PRO A 219 2.30 -19.34 -0.39
CA PRO A 219 0.99 -18.79 0.07
C PRO A 219 0.75 -18.78 1.58
N TYR A 220 1.80 -19.08 2.37
CA TYR A 220 1.73 -19.15 3.83
C TYR A 220 2.02 -17.76 4.38
N CYS A 221 1.03 -16.88 4.20
CA CYS A 221 1.10 -15.45 4.49
C CYS A 221 -0.32 -14.88 4.58
N THR A 222 -0.43 -13.58 4.95
CA THR A 222 -1.70 -12.88 4.99
C THR A 222 -2.06 -12.29 3.59
N SER A 223 -3.22 -11.61 3.51
CA SER A 223 -3.82 -11.07 2.29
C SER A 223 -3.34 -9.65 1.89
N ARG A 224 -2.32 -9.13 2.58
CA ARG A 224 -1.76 -7.82 2.27
C ARG A 224 -0.30 -7.74 2.73
N ASP A 225 0.41 -6.70 2.29
CA ASP A 225 1.76 -6.41 2.78
C ASP A 225 1.61 -5.75 4.15
N CYS A 226 2.52 -6.06 5.09
CA CYS A 226 2.48 -5.51 6.45
C CYS A 226 3.73 -4.69 6.59
N THR A 227 3.78 -3.62 5.80
CA THR A 227 4.93 -2.73 5.74
C THR A 227 4.46 -1.30 6.04
N PRO A 228 5.36 -0.39 6.49
CA PRO A 228 4.93 1.00 6.71
C PRO A 228 4.24 1.66 5.49
N ALA A 229 4.70 1.39 4.25
CA ALA A 229 4.09 1.94 3.04
C ALA A 229 2.64 1.45 2.86
N ARG A 230 2.40 0.13 3.04
CA ARG A 230 1.06 -0.44 2.94
C ARG A 230 0.12 0.02 4.10
N PHE A 231 0.63 0.16 5.34
CA PHE A 231 -0.18 0.61 6.47
C PHE A 231 -0.56 2.10 6.35
N LEU A 232 0.37 2.96 5.84
CA LEU A 232 0.07 4.37 5.57
C LEU A 232 -0.95 4.50 4.41
N ALA A 233 -0.84 3.64 3.37
CA ALA A 233 -1.81 3.61 2.27
C ALA A 233 -3.21 3.19 2.76
N ASP A 234 -3.31 2.14 3.61
CA ASP A 234 -4.58 1.63 4.15
C ASP A 234 -5.27 2.56 5.14
N MET A 235 -4.55 3.53 5.68
CA MET A 235 -5.05 4.54 6.60
C MET A 235 -5.21 5.91 5.92
N GLY A 236 -4.83 6.00 4.64
CA GLY A 236 -4.90 7.23 3.86
C GLY A 236 -4.05 8.36 4.39
N ILE A 237 -2.93 8.02 5.02
CA ILE A 237 -2.00 9.00 5.57
C ILE A 237 -1.01 9.41 4.51
N PRO A 238 -0.91 10.73 4.14
CA PRO A 238 0.13 11.15 3.17
C PRO A 238 1.53 10.92 3.74
N LEU A 239 2.47 10.43 2.91
CA LEU A 239 3.87 10.13 3.31
C LEU A 239 4.59 11.27 4.11
N PRO A 240 4.46 12.59 3.78
CA PRO A 240 5.14 13.62 4.59
C PRO A 240 4.66 13.75 6.05
N MET A 241 3.52 13.13 6.40
CA MET A 241 3.01 13.15 7.79
C MET A 241 3.81 12.24 8.75
N LEU A 242 4.56 11.24 8.21
CA LEU A 242 5.34 10.28 8.99
C LEU A 242 6.46 10.94 9.80
N ASN A 243 6.36 10.78 11.12
CA ASN A 243 7.40 11.28 12.01
C ASN A 243 8.35 10.12 12.32
N LYS A 244 7.84 9.06 12.95
CA LYS A 244 8.71 7.95 13.26
C LYS A 244 7.99 6.62 13.26
N VAL A 245 8.80 5.58 13.04
CA VAL A 245 8.40 4.19 12.98
C VAL A 245 8.93 3.48 14.23
N ILE A 246 8.04 2.80 14.96
CA ILE A 246 8.35 2.02 16.16
C ILE A 246 8.15 0.55 15.78
N GLY A 247 9.27 -0.14 15.55
CA GLY A 247 9.29 -1.56 15.22
C GLY A 247 9.20 -2.42 16.47
N THR A 248 8.43 -3.50 16.40
CA THR A 248 8.27 -4.43 17.53
C THR A 248 8.81 -5.81 17.18
N ALA A 249 9.41 -6.46 18.18
CA ALA A 249 10.01 -7.79 18.07
C ALA A 249 9.94 -8.56 19.39
N ARG A 250 10.00 -9.88 19.30
CA ARG A 250 10.06 -10.86 20.40
C ARG A 250 11.47 -11.49 20.37
N CYS A 251 11.92 -12.00 21.52
CA CYS A 251 13.19 -12.73 21.66
C CYS A 251 13.09 -14.09 20.95
N HIS A 252 11.88 -14.69 20.96
CA HIS A 252 11.56 -15.95 20.31
C HIS A 252 10.34 -15.69 19.41
N PRO A 253 10.53 -15.38 18.10
CA PRO A 253 9.36 -15.11 17.24
C PRO A 253 8.36 -16.27 17.16
N ILE A 254 7.07 -15.96 16.96
CA ILE A 254 6.03 -17.00 16.90
C ILE A 254 5.38 -17.10 15.51
N ARG A 255 4.68 -18.19 15.25
CA ARG A 255 3.77 -18.42 14.12
C ARG A 255 2.50 -19.02 14.75
N VAL A 256 1.37 -18.99 14.05
CA VAL A 256 0.12 -19.62 14.54
C VAL A 256 0.28 -21.15 14.41
N GLY A 257 -0.57 -21.91 15.11
CA GLY A 257 -0.53 -23.37 15.05
C GLY A 257 -0.96 -23.93 13.71
N GLY A 258 -0.49 -25.15 13.44
CA GLY A 258 -0.80 -25.88 12.22
C GLY A 258 0.24 -25.69 11.15
N THR A 259 -0.12 -26.02 9.90
CA THR A 259 0.76 -25.94 8.73
C THR A 259 0.76 -24.46 8.26
N SER A 260 1.31 -23.57 9.12
CA SER A 260 1.33 -22.12 8.95
C SER A 260 2.55 -21.54 8.17
N GLY A 261 3.41 -22.42 7.65
CA GLY A 261 4.54 -21.98 6.84
C GLY A 261 5.94 -22.21 7.37
N GLY A 262 6.91 -21.89 6.52
CA GLY A 262 8.34 -22.06 6.82
C GLY A 262 8.93 -21.00 7.72
N HIS A 263 10.23 -21.13 7.97
CA HIS A 263 11.01 -20.19 8.78
C HIS A 263 12.27 -19.79 8.00
N TYR A 264 13.10 -18.92 8.56
CA TYR A 264 14.33 -18.46 7.91
C TYR A 264 15.47 -19.51 8.06
N PRO A 265 16.52 -19.52 7.18
CA PRO A 265 17.58 -20.55 7.27
C PRO A 265 18.41 -20.58 8.56
N ASP A 266 18.47 -19.44 9.29
CA ASP A 266 19.24 -19.28 10.52
C ASP A 266 18.39 -19.49 11.79
N GLN A 267 17.22 -20.11 11.68
CA GLN A 267 16.39 -20.29 12.84
C GLN A 267 15.78 -21.70 12.93
N GLU A 268 15.38 -22.10 14.14
CA GLU A 268 14.86 -23.42 14.38
C GLU A 268 13.58 -23.37 15.19
N GLU A 269 12.66 -24.29 14.94
CA GLU A 269 11.42 -24.39 15.69
C GLU A 269 11.71 -25.02 17.05
N LEU A 270 11.24 -24.37 18.11
CA LEU A 270 11.40 -24.83 19.48
C LEU A 270 10.06 -25.32 20.03
N THR A 271 10.06 -25.79 21.28
CA THR A 271 8.84 -26.17 21.99
C THR A 271 8.71 -25.23 23.18
N TRP A 272 7.47 -25.05 23.68
CA TRP A 272 7.22 -24.23 24.87
C TRP A 272 7.94 -24.83 26.11
N GLU A 273 8.07 -26.19 26.15
CA GLU A 273 8.79 -26.97 27.19
C GLU A 273 10.28 -26.53 27.28
N GLN A 274 10.96 -26.41 26.11
CA GLN A 274 12.36 -25.99 25.97
C GLN A 274 12.60 -24.61 26.56
N LEU A 275 11.61 -23.71 26.45
CA LEU A 275 11.69 -22.35 27.00
C LEU A 275 11.35 -22.32 28.48
N GLY A 276 10.66 -23.36 28.96
CA GLY A 276 10.19 -23.46 30.34
C GLY A 276 9.03 -22.54 30.56
N GLN A 277 8.18 -22.38 29.51
CA GLN A 277 7.03 -21.49 29.50
C GLN A 277 5.73 -22.21 29.24
N VAL A 278 4.63 -21.59 29.72
CA VAL A 278 3.26 -22.07 29.50
C VAL A 278 2.91 -21.89 28.00
N PRO A 279 2.42 -22.96 27.33
CA PRO A 279 2.10 -22.84 25.89
C PRO A 279 1.12 -21.72 25.54
N GLU A 280 1.57 -20.80 24.66
CA GLU A 280 0.77 -19.68 24.19
C GLU A 280 -0.26 -20.20 23.20
N LEU A 281 -1.50 -19.73 23.35
CA LEU A 281 -2.64 -20.11 22.52
C LEU A 281 -3.34 -18.88 22.00
N THR A 282 -4.13 -19.02 20.91
CA THR A 282 -5.01 -17.95 20.43
C THR A 282 -6.18 -17.90 21.44
N THR A 283 -6.73 -16.71 21.68
CA THR A 283 -7.83 -16.47 22.62
C THR A 283 -9.08 -17.33 22.36
N VAL A 284 -9.52 -17.46 21.10
CA VAL A 284 -10.80 -18.11 20.80
C VAL A 284 -10.65 -19.55 20.34
N THR A 285 -9.79 -19.83 19.34
CA THR A 285 -9.70 -21.21 18.81
C THR A 285 -8.85 -22.12 19.72
N LYS A 286 -8.05 -21.53 20.64
CA LYS A 286 -7.10 -22.23 21.54
C LYS A 286 -6.00 -23.01 20.77
N LYS A 287 -5.62 -22.53 19.56
CA LYS A 287 -4.55 -23.19 18.81
C LYS A 287 -3.21 -22.83 19.44
N VAL A 288 -2.36 -23.84 19.68
CA VAL A 288 -1.04 -23.67 20.28
C VAL A 288 -0.14 -22.95 19.28
N ARG A 289 0.45 -21.82 19.70
CA ARG A 289 1.37 -21.07 18.83
C ARG A 289 2.67 -21.87 18.63
N ARG A 290 3.26 -21.72 17.44
CA ARG A 290 4.54 -22.31 17.07
C ARG A 290 5.58 -21.28 17.53
N VAL A 291 6.70 -21.74 18.08
CA VAL A 291 7.73 -20.83 18.59
C VAL A 291 9.10 -21.16 17.96
N PHE A 292 9.87 -20.12 17.64
CA PHE A 292 11.17 -20.25 16.96
C PHE A 292 12.26 -19.47 17.67
N SER A 293 13.53 -19.81 17.36
CA SER A 293 14.69 -19.08 17.88
C SER A 293 14.77 -17.74 17.11
N PHE A 294 15.48 -16.76 17.69
CA PHE A 294 15.64 -15.45 17.04
C PHE A 294 16.37 -15.59 15.69
N SER A 295 15.88 -14.89 14.66
CA SER A 295 16.49 -14.89 13.33
C SER A 295 17.08 -13.52 12.99
N PHE A 296 18.40 -13.48 12.75
CA PHE A 296 19.14 -12.28 12.36
C PHE A 296 18.78 -11.92 10.92
N ILE A 297 18.62 -12.94 10.04
CA ILE A 297 18.22 -12.79 8.63
C ILE A 297 16.88 -12.05 8.54
N GLN A 298 15.87 -12.50 9.34
CA GLN A 298 14.52 -11.91 9.44
C GLN A 298 14.64 -10.44 9.87
N MET A 299 15.52 -10.17 10.85
CA MET A 299 15.75 -8.84 11.36
C MET A 299 16.34 -7.91 10.29
N GLN A 300 17.33 -8.39 9.48
CA GLN A 300 17.93 -7.60 8.40
C GLN A 300 16.90 -7.24 7.32
N LYS A 301 16.04 -8.22 6.95
CA LYS A 301 14.97 -8.07 5.96
C LYS A 301 13.92 -7.07 6.46
N ALA A 302 13.47 -7.24 7.72
CA ALA A 302 12.51 -6.33 8.36
C ALA A 302 13.08 -4.93 8.49
N MET A 303 14.38 -4.79 8.82
CA MET A 303 15.08 -3.51 8.96
C MET A 303 15.18 -2.79 7.63
N TRP A 304 15.57 -3.53 6.56
CA TRP A 304 15.70 -2.97 5.21
C TRP A 304 14.39 -2.34 4.72
N THR A 305 13.28 -3.08 4.83
CA THR A 305 11.99 -2.63 4.34
C THR A 305 11.29 -1.66 5.31
N CYS A 306 11.14 -2.04 6.58
CA CYS A 306 10.39 -1.27 7.57
C CYS A 306 11.10 -0.03 8.07
N GLN A 307 12.44 -0.05 8.06
CA GLN A 307 13.29 1.08 8.45
C GLN A 307 12.85 1.75 9.77
N PRO A 308 12.65 0.99 10.90
CA PRO A 308 12.20 1.66 12.15
C PRO A 308 13.20 2.66 12.73
N ASP A 309 12.70 3.64 13.47
CA ASP A 309 13.57 4.64 14.11
C ASP A 309 13.87 4.20 15.53
N GLU A 310 12.92 3.46 16.12
CA GLU A 310 12.96 2.93 17.48
C GLU A 310 12.42 1.52 17.49
N VAL A 311 12.92 0.70 18.42
CA VAL A 311 12.51 -0.68 18.56
C VAL A 311 12.02 -0.99 19.97
N PHE A 312 10.97 -1.83 20.05
CA PHE A 312 10.44 -2.38 21.28
C PHE A 312 10.76 -3.89 21.23
N LEU A 313 11.63 -4.35 22.13
CA LEU A 313 11.98 -5.78 22.20
C LEU A 313 11.22 -6.37 23.38
N ASN A 314 10.23 -7.18 23.08
CA ASN A 314 9.32 -7.78 24.05
C ASN A 314 9.61 -9.27 24.32
N PHE A 315 8.97 -9.81 25.38
CA PHE A 315 9.10 -11.18 25.87
C PHE A 315 10.54 -11.49 26.34
N CYS A 316 11.21 -10.46 26.92
CA CYS A 316 12.56 -10.58 27.49
C CYS A 316 12.51 -11.44 28.76
N ASN A 317 11.29 -11.56 29.37
CA ASN A 317 10.98 -12.41 30.53
C ASN A 317 11.22 -13.92 30.25
N TYR A 318 11.31 -14.30 28.95
CA TYR A 318 11.55 -15.68 28.49
C TYR A 318 13.04 -16.05 28.47
N LEU A 319 13.92 -15.05 28.61
CA LEU A 319 15.38 -15.19 28.59
C LEU A 319 16.05 -14.62 29.83
N SER A 320 17.33 -14.98 30.03
CA SER A 320 18.20 -14.47 31.09
C SER A 320 18.77 -13.13 30.61
N PRO A 321 19.29 -12.24 31.51
CA PRO A 321 19.83 -10.94 31.04
C PRO A 321 20.82 -11.03 29.87
N MET A 322 21.82 -11.95 29.92
CA MET A 322 22.80 -12.16 28.84
C MET A 322 22.13 -12.45 27.50
N GLY A 323 21.07 -13.26 27.53
CA GLY A 323 20.29 -13.64 26.36
C GLY A 323 19.57 -12.50 25.69
N TRP A 324 18.73 -11.71 26.44
CA TRP A 324 18.02 -10.60 25.80
C TRP A 324 18.95 -9.42 25.45
N GLN A 325 20.04 -9.21 26.22
CA GLN A 325 21.05 -8.18 25.94
C GLN A 325 21.77 -8.46 24.61
N ASP A 326 22.03 -9.75 24.31
CA ASP A 326 22.64 -10.19 23.06
C ASP A 326 21.69 -9.94 21.87
N ILE A 327 20.39 -10.19 22.07
CA ILE A 327 19.40 -9.95 21.02
C ILE A 327 19.25 -8.44 20.71
N VAL A 328 19.30 -7.55 21.75
CA VAL A 328 19.25 -6.08 21.59
C VAL A 328 20.37 -5.69 20.64
N HIS A 329 21.52 -6.25 20.93
CA HIS A 329 22.76 -6.09 20.23
C HIS A 329 22.72 -6.55 18.74
N GLN A 330 22.16 -7.73 18.49
CA GLN A 330 21.97 -8.29 17.15
C GLN A 330 21.06 -7.39 16.31
N ILE A 331 19.94 -6.90 16.91
CA ILE A 331 18.94 -6.02 16.30
C ILE A 331 19.58 -4.73 15.76
N GLU A 332 20.40 -4.08 16.61
CA GLU A 332 21.05 -2.81 16.29
C GLU A 332 22.09 -2.93 15.18
N VAL A 333 22.84 -4.06 15.13
CA VAL A 333 23.82 -4.28 14.06
C VAL A 333 23.08 -4.68 12.77
N ALA A 334 21.95 -5.45 12.88
CA ALA A 334 21.13 -5.82 11.72
C ALA A 334 20.56 -4.54 11.06
N ALA A 335 20.19 -3.54 11.89
CA ALA A 335 19.67 -2.24 11.46
C ALA A 335 20.75 -1.49 10.68
N GLN A 336 21.94 -1.32 11.30
CA GLN A 336 23.10 -0.65 10.74
C GLN A 336 23.52 -1.24 9.37
N SER A 337 23.45 -2.59 9.23
CA SER A 337 23.80 -3.31 8.00
C SER A 337 22.83 -3.01 6.84
N ARG A 338 21.61 -2.56 7.16
CA ARG A 338 20.58 -2.24 6.17
C ARG A 338 20.26 -0.75 6.12
N TYR A 339 21.29 0.09 6.46
CA TYR A 339 21.27 1.56 6.47
C TYR A 339 20.18 2.17 7.38
N CYS A 340 19.81 1.44 8.43
CA CYS A 340 18.77 1.82 9.36
C CYS A 340 19.39 2.27 10.71
N ASP A 341 18.95 3.45 11.22
CA ASP A 341 19.46 4.03 12.46
C ASP A 341 18.69 3.55 13.72
N ALA A 342 17.91 2.46 13.62
CA ALA A 342 17.11 1.92 14.73
C ALA A 342 17.86 1.69 16.05
N GLU A 343 17.25 2.16 17.13
CA GLU A 343 17.74 2.02 18.50
C GLU A 343 16.66 1.25 19.27
N VAL A 344 17.06 0.25 20.05
CA VAL A 344 16.18 -0.51 20.94
C VAL A 344 15.98 0.42 22.18
N LYS A 345 14.82 1.09 22.24
CA LYS A 345 14.48 2.06 23.27
C LYS A 345 13.68 1.42 24.42
N TYR A 346 12.85 0.41 24.11
CA TYR A 346 11.96 -0.25 25.06
C TYR A 346 12.17 -1.73 25.17
N LEU A 347 12.01 -2.26 26.40
CA LEU A 347 12.15 -3.68 26.71
C LEU A 347 10.93 -4.17 27.51
N GLY A 348 10.29 -5.21 27.02
CA GLY A 348 9.11 -5.80 27.64
C GLY A 348 9.41 -7.01 28.49
N PHE A 349 8.95 -7.01 29.75
CA PHE A 349 9.16 -8.08 30.72
C PHE A 349 7.84 -8.70 31.24
N GLY A 350 6.75 -8.41 30.53
CA GLY A 350 5.41 -8.87 30.86
C GLY A 350 4.34 -8.21 30.02
N PRO A 351 3.04 -8.52 30.24
CA PRO A 351 1.98 -7.96 29.38
C PRO A 351 1.38 -6.61 29.78
N THR A 352 1.83 -6.00 30.87
CA THR A 352 1.25 -4.74 31.36
C THR A 352 2.14 -3.52 31.14
N PHE A 353 1.54 -2.30 31.28
CA PHE A 353 2.21 -1.00 31.19
C PHE A 353 3.46 -0.97 32.12
N ASN A 354 3.34 -1.62 33.31
CA ASN A 354 4.39 -1.69 34.35
C ASN A 354 5.59 -2.53 33.97
N ASP A 355 5.44 -3.38 32.96
CA ASP A 355 6.46 -4.30 32.47
C ASP A 355 7.27 -3.72 31.32
N VAL A 356 6.93 -2.50 30.87
CA VAL A 356 7.69 -1.84 29.81
C VAL A 356 8.81 -1.03 30.45
N GLU A 357 10.05 -1.37 30.11
CA GLU A 357 11.25 -0.71 30.64
C GLU A 357 11.95 0.08 29.55
N LEU A 358 12.68 1.12 29.95
CA LEU A 358 13.53 1.86 29.04
C LEU A 358 14.85 1.05 29.02
N ARG A 359 15.36 0.76 27.82
CA ARG A 359 16.60 -0.01 27.63
C ARG A 359 17.77 0.58 28.44
N GLU A 360 17.96 1.90 28.37
CA GLU A 360 19.00 2.65 29.11
C GLU A 360 19.00 2.40 30.62
N ASP A 361 17.82 2.14 31.22
CA ASP A 361 17.67 1.90 32.66
C ASP A 361 18.06 0.47 33.09
N VAL A 362 18.02 -0.52 32.17
CA VAL A 362 18.28 -1.92 32.53
C VAL A 362 19.58 -2.51 31.90
N MET A 363 20.23 -1.80 30.96
CA MET A 363 21.48 -2.24 30.31
C MET A 363 22.32 -1.07 29.75
N MET B 21 20.08 7.84 1.35
CA MET B 21 19.27 6.78 0.76
C MET B 21 18.23 7.29 -0.26
N GLU B 22 17.93 8.61 -0.26
CA GLU B 22 16.93 9.27 -1.13
C GLU B 22 17.36 9.29 -2.60
N ASN B 23 17.01 8.24 -3.34
CA ASN B 23 17.40 8.10 -4.75
C ASN B 23 16.27 7.64 -5.69
N VAL B 24 15.02 7.61 -5.20
CA VAL B 24 13.86 7.19 -5.98
C VAL B 24 13.02 8.40 -6.44
N ASP B 25 12.80 8.51 -7.75
CA ASP B 25 11.91 9.51 -8.31
C ASP B 25 10.67 8.74 -8.72
N LEU B 26 9.51 9.11 -8.14
CA LEU B 26 8.26 8.41 -8.41
C LEU B 26 7.28 9.25 -9.23
N VAL B 27 6.80 8.67 -10.34
CA VAL B 27 5.84 9.30 -11.25
C VAL B 27 4.45 8.80 -10.85
N ILE B 28 3.54 9.73 -10.50
CA ILE B 28 2.16 9.42 -10.12
C ILE B 28 1.17 10.34 -10.86
N ASP B 29 -0.07 9.88 -11.01
CA ASP B 29 -1.15 10.59 -11.68
C ASP B 29 -2.03 11.31 -10.67
N LEU B 30 -2.32 12.61 -10.89
CA LEU B 30 -3.14 13.43 -9.97
C LEU B 30 -4.65 13.47 -10.33
N GLN B 31 -5.08 12.81 -11.42
CA GLN B 31 -6.48 12.87 -11.82
C GLN B 31 -7.14 11.49 -11.98
N PHE B 32 -7.75 11.20 -13.15
CA PHE B 32 -8.44 9.94 -13.45
C PHE B 32 -7.63 9.05 -14.42
N GLY B 33 -6.34 9.30 -14.55
CA GLY B 33 -5.47 8.54 -15.46
C GLY B 33 -5.33 9.18 -16.83
N SER B 34 -4.49 8.56 -17.69
CA SER B 34 -4.19 8.95 -19.08
C SER B 34 -3.74 10.42 -19.21
N THR B 35 -2.90 10.88 -18.26
CA THR B 35 -2.36 12.24 -18.21
C THR B 35 -1.05 12.34 -19.00
N GLY B 36 -0.44 11.21 -19.30
CA GLY B 36 0.82 11.14 -20.02
C GLY B 36 1.99 10.79 -19.13
N LYS B 37 1.80 9.83 -18.21
CA LYS B 37 2.87 9.33 -17.35
C LYS B 37 3.97 8.65 -18.17
N GLY B 38 3.58 7.96 -19.27
CA GLY B 38 4.51 7.30 -20.18
C GLY B 38 5.50 8.25 -20.83
N LEU B 39 5.02 9.43 -21.23
CA LEU B 39 5.82 10.48 -21.84
C LEU B 39 6.82 11.07 -20.83
N ILE B 40 6.35 11.50 -19.64
CA ILE B 40 7.24 12.12 -18.65
C ILE B 40 8.29 11.09 -18.13
N ALA B 41 7.91 9.79 -17.97
CA ALA B 41 8.82 8.72 -17.55
C ALA B 41 9.95 8.53 -18.55
N GLY B 42 9.63 8.54 -19.85
CA GLY B 42 10.62 8.41 -20.92
C GLY B 42 11.51 9.64 -21.02
N TYR B 43 10.90 10.83 -20.83
CA TYR B 43 11.59 12.13 -20.82
C TYR B 43 12.61 12.20 -19.67
N LEU B 44 12.16 11.85 -18.44
CA LEU B 44 13.00 11.86 -17.24
C LEU B 44 14.13 10.81 -17.31
N ALA B 45 13.87 9.61 -17.92
CA ALA B 45 14.85 8.54 -18.10
C ALA B 45 16.03 9.00 -19.00
N GLU B 46 15.72 9.68 -20.12
CA GLU B 46 16.73 10.20 -21.05
C GLU B 46 17.54 11.35 -20.44
N LYS B 47 16.88 12.21 -19.66
CA LYS B 47 17.51 13.37 -19.01
C LYS B 47 18.33 13.03 -17.76
N ASN B 48 17.81 12.16 -16.87
CA ASN B 48 18.46 11.85 -15.58
C ASN B 48 19.33 10.57 -15.60
N GLY B 49 19.17 9.72 -16.60
CA GLY B 49 19.98 8.51 -16.77
C GLY B 49 20.00 7.52 -15.63
N TYR B 50 18.79 7.14 -15.11
CA TYR B 50 18.64 6.14 -14.04
C TYR B 50 19.20 4.77 -14.46
N ASP B 51 19.86 4.08 -13.52
CA ASP B 51 20.37 2.74 -13.76
C ASP B 51 19.29 1.70 -13.52
N THR B 52 18.34 2.03 -12.64
CA THR B 52 17.19 1.17 -12.31
C THR B 52 15.86 1.82 -12.63
N VAL B 53 15.01 1.08 -13.37
CA VAL B 53 13.63 1.46 -13.70
C VAL B 53 12.71 0.37 -13.14
N ILE B 54 11.68 0.78 -12.38
CA ILE B 54 10.77 -0.11 -11.66
C ILE B 54 9.28 0.34 -11.77
N ASN B 55 8.36 -0.63 -11.76
CA ASN B 55 6.92 -0.40 -11.82
C ASN B 55 6.16 -1.56 -11.19
N ALA B 56 4.81 -1.52 -11.22
CA ALA B 56 3.91 -2.56 -10.69
C ALA B 56 2.59 -2.44 -11.46
N ASN B 57 2.68 -2.54 -12.79
CA ASN B 57 1.55 -2.40 -13.71
C ASN B 57 0.61 -3.60 -13.71
N MET B 58 -0.63 -3.32 -14.15
CA MET B 58 -1.72 -4.27 -14.34
C MET B 58 -2.20 -4.12 -15.79
N PRO B 59 -2.84 -5.14 -16.41
CA PRO B 59 -3.15 -5.06 -17.85
C PRO B 59 -4.22 -4.05 -18.26
N ASN B 60 -4.78 -3.31 -17.30
CA ASN B 60 -5.80 -2.30 -17.57
C ASN B 60 -5.18 -1.00 -18.12
N ALA B 61 -3.85 -0.83 -17.90
CA ALA B 61 -3.07 0.37 -18.23
C ALA B 61 -2.06 0.21 -19.37
N GLY B 62 -2.14 1.13 -20.34
CA GLY B 62 -1.23 1.27 -21.47
C GLY B 62 -0.46 2.56 -21.29
N HIS B 63 0.86 2.55 -21.55
CA HIS B 63 1.71 3.75 -21.37
C HIS B 63 2.55 4.02 -22.62
N THR B 64 2.48 5.25 -23.15
CA THR B 64 3.14 5.59 -24.40
C THR B 64 4.25 6.63 -24.25
N TYR B 65 5.40 6.33 -24.85
CA TYR B 65 6.54 7.23 -24.97
C TYR B 65 6.99 7.27 -26.42
N ILE B 66 7.24 8.50 -26.93
CA ILE B 66 7.75 8.76 -28.28
C ILE B 66 8.98 9.64 -28.11
N ASN B 67 10.15 9.15 -28.54
CA ASN B 67 11.41 9.89 -28.40
C ASN B 67 11.57 10.99 -29.47
N ALA B 68 12.72 11.70 -29.46
CA ALA B 68 13.02 12.79 -30.38
C ALA B 68 13.13 12.34 -31.86
N GLU B 69 13.50 11.05 -32.09
CA GLU B 69 13.67 10.44 -33.42
C GLU B 69 12.36 9.86 -34.02
N GLY B 70 11.30 9.79 -33.22
CA GLY B 70 10.01 9.28 -33.67
C GLY B 70 9.70 7.85 -33.27
N ARG B 71 10.65 7.17 -32.56
CA ARG B 71 10.44 5.80 -32.08
C ARG B 71 9.38 5.80 -30.98
N LYS B 72 8.42 4.89 -31.09
CA LYS B 72 7.30 4.76 -30.17
C LYS B 72 7.36 3.46 -29.37
N TRP B 73 7.07 3.58 -28.06
CA TRP B 73 6.96 2.46 -27.14
C TRP B 73 5.56 2.55 -26.54
N MET B 74 4.80 1.46 -26.63
CA MET B 74 3.48 1.35 -26.01
C MET B 74 3.58 0.14 -25.12
N HIS B 75 3.77 0.38 -23.83
CA HIS B 75 3.94 -0.70 -22.87
C HIS B 75 2.76 -0.91 -21.93
N LYS B 76 2.53 -2.17 -21.53
CA LYS B 76 1.52 -2.55 -20.54
C LYS B 76 2.23 -3.30 -19.37
N VAL B 77 3.47 -3.76 -19.62
CA VAL B 77 4.30 -4.50 -18.67
C VAL B 77 5.58 -3.72 -18.32
N LEU B 78 6.52 -3.59 -19.29
CA LEU B 78 7.80 -2.93 -19.07
C LEU B 78 7.69 -1.44 -18.77
N PRO B 79 8.53 -0.89 -17.85
CA PRO B 79 8.51 0.57 -17.63
C PRO B 79 8.97 1.30 -18.91
N ASN B 80 8.53 2.56 -19.10
CA ASN B 80 8.92 3.36 -20.26
C ASN B 80 10.35 3.90 -20.12
N GLY B 81 10.84 3.88 -18.87
CA GLY B 81 12.18 4.32 -18.51
C GLY B 81 13.32 3.49 -19.06
N ILE B 82 13.05 2.35 -19.75
CA ILE B 82 14.06 1.47 -20.38
C ILE B 82 14.91 2.22 -21.44
N VAL B 83 14.47 3.43 -21.82
CA VAL B 83 15.12 4.33 -22.77
C VAL B 83 16.31 5.07 -22.10
N SER B 84 16.53 4.85 -20.79
CA SER B 84 17.64 5.46 -20.07
C SER B 84 18.99 5.04 -20.66
N PRO B 85 19.88 6.02 -20.94
CA PRO B 85 21.21 5.68 -21.50
C PRO B 85 22.11 4.89 -20.56
N ASN B 86 21.81 4.90 -19.23
CA ASN B 86 22.59 4.19 -18.21
C ASN B 86 21.85 2.98 -17.64
N LEU B 87 20.85 2.43 -18.37
CA LEU B 87 20.05 1.28 -17.92
C LEU B 87 20.89 0.03 -17.56
N LYS B 88 20.64 -0.52 -16.34
CA LYS B 88 21.28 -1.73 -15.80
C LYS B 88 20.25 -2.72 -15.26
N ARG B 89 19.16 -2.21 -14.65
CA ARG B 89 18.10 -3.03 -14.06
C ARG B 89 16.69 -2.60 -14.45
N VAL B 90 15.84 -3.58 -14.80
CA VAL B 90 14.43 -3.39 -15.16
C VAL B 90 13.68 -4.29 -14.16
N MET B 91 12.85 -3.68 -13.30
CA MET B 91 12.20 -4.37 -12.19
C MET B 91 10.66 -4.33 -12.23
N LEU B 92 10.03 -5.52 -12.23
CA LEU B 92 8.57 -5.66 -12.26
C LEU B 92 8.09 -6.10 -10.88
N GLY B 93 7.53 -5.14 -10.13
CA GLY B 93 7.07 -5.27 -8.75
C GLY B 93 6.11 -6.39 -8.44
N ALA B 94 6.00 -6.74 -7.15
CA ALA B 94 5.10 -7.78 -6.62
C ALA B 94 3.60 -7.48 -6.91
N GLY B 95 3.26 -6.19 -7.08
CA GLY B 95 1.91 -5.71 -7.41
C GLY B 95 1.55 -5.84 -8.88
N SER B 96 2.53 -6.27 -9.71
CA SER B 96 2.36 -6.47 -11.14
C SER B 96 1.41 -7.60 -11.47
N VAL B 97 0.61 -7.41 -12.53
CA VAL B 97 -0.28 -8.40 -13.13
C VAL B 97 0.07 -8.32 -14.61
N PHE B 98 0.62 -9.41 -15.17
CA PHE B 98 1.08 -9.34 -16.55
C PHE B 98 0.82 -10.58 -17.39
N SER B 99 0.65 -10.34 -18.69
CA SER B 99 0.54 -11.38 -19.71
C SER B 99 1.97 -11.74 -20.11
N ILE B 100 2.32 -13.05 -20.08
CA ILE B 100 3.65 -13.51 -20.50
C ILE B 100 3.87 -13.24 -22.00
N ASN B 101 2.83 -13.51 -22.85
CA ASN B 101 2.89 -13.23 -24.29
C ASN B 101 3.23 -11.75 -24.55
N ARG B 102 2.56 -10.84 -23.82
CA ARG B 102 2.77 -9.39 -23.94
C ARG B 102 4.18 -8.98 -23.52
N LEU B 103 4.68 -9.50 -22.36
CA LEU B 103 6.04 -9.26 -21.89
C LEU B 103 7.07 -9.70 -22.94
N MET B 104 6.86 -10.89 -23.56
CA MET B 104 7.73 -11.44 -24.62
C MET B 104 7.83 -10.46 -25.79
N GLU B 105 6.67 -9.92 -26.22
CA GLU B 105 6.58 -8.95 -27.33
C GLU B 105 7.29 -7.63 -27.04
N GLU B 106 7.11 -7.08 -25.83
CA GLU B 106 7.75 -5.85 -25.39
C GLU B 106 9.27 -5.99 -25.27
N ILE B 107 9.77 -7.13 -24.76
CA ILE B 107 11.21 -7.41 -24.66
C ILE B 107 11.81 -7.48 -26.08
N GLU B 108 11.15 -8.23 -26.99
CA GLU B 108 11.56 -8.37 -28.37
C GLU B 108 11.65 -7.01 -29.10
N MET B 109 10.62 -6.16 -28.94
CA MET B 109 10.56 -4.83 -29.56
C MET B 109 11.67 -3.88 -29.10
N SER B 110 12.17 -4.09 -27.87
CA SER B 110 13.25 -3.28 -27.30
C SER B 110 14.53 -4.10 -27.05
N LYS B 111 14.76 -5.13 -27.88
CA LYS B 111 15.93 -6.05 -27.79
C LYS B 111 17.28 -5.30 -27.79
N ASP B 112 17.37 -4.21 -28.57
CA ASP B 112 18.55 -3.35 -28.68
C ASP B 112 18.90 -2.66 -27.34
N LEU B 113 17.87 -2.24 -26.58
CA LEU B 113 18.02 -1.59 -25.27
C LEU B 113 18.24 -2.58 -24.15
N LEU B 114 17.61 -3.77 -24.26
CA LEU B 114 17.66 -4.84 -23.26
C LEU B 114 18.73 -5.87 -23.63
N HIS B 115 19.97 -5.38 -23.80
CA HIS B 115 21.15 -6.18 -24.16
C HIS B 115 21.62 -7.07 -22.97
N ASP B 116 22.73 -7.80 -23.17
CA ASP B 116 23.35 -8.73 -22.21
C ASP B 116 23.69 -8.13 -20.84
N LYS B 117 24.04 -6.83 -20.79
CA LYS B 117 24.40 -6.15 -19.54
C LYS B 117 23.18 -5.52 -18.79
N VAL B 118 21.93 -5.79 -19.25
CA VAL B 118 20.71 -5.31 -18.59
C VAL B 118 20.03 -6.52 -17.93
N ALA B 119 19.77 -6.42 -16.61
CA ALA B 119 19.08 -7.48 -15.87
C ALA B 119 17.59 -7.14 -15.75
N ILE B 120 16.73 -8.06 -16.21
CA ILE B 120 15.27 -7.96 -16.09
C ILE B 120 14.90 -8.84 -14.89
N LEU B 121 14.28 -8.23 -13.88
CA LEU B 121 13.91 -8.89 -12.64
C LEU B 121 12.40 -8.86 -12.44
N ILE B 122 11.79 -10.06 -12.37
CA ILE B 122 10.36 -10.20 -12.10
C ILE B 122 10.24 -10.66 -10.66
N HIS B 123 9.55 -9.85 -9.80
CA HIS B 123 9.33 -10.22 -8.40
C HIS B 123 8.71 -11.62 -8.34
N PRO B 124 9.18 -12.53 -7.44
CA PRO B 124 8.59 -13.89 -7.39
C PRO B 124 7.07 -13.94 -7.19
N MET B 125 6.51 -12.93 -6.51
CA MET B 125 5.08 -12.85 -6.20
C MET B 125 4.28 -11.98 -7.20
N ALA B 126 4.92 -11.50 -8.30
CA ALA B 126 4.20 -10.82 -9.39
C ALA B 126 3.19 -11.85 -9.97
N THR B 127 2.00 -11.40 -10.40
CA THR B 127 0.90 -12.24 -10.86
C THR B 127 0.88 -12.45 -12.38
N VAL B 128 0.77 -13.72 -12.80
CA VAL B 128 0.69 -14.14 -14.19
C VAL B 128 -0.78 -14.12 -14.61
N LEU B 129 -1.10 -13.31 -15.64
CA LEU B 129 -2.46 -13.24 -16.17
C LEU B 129 -2.82 -14.50 -17.00
N ASP B 130 -3.99 -15.08 -16.70
CA ASP B 130 -4.58 -16.19 -17.44
C ASP B 130 -5.60 -15.45 -18.33
N GLU B 131 -5.17 -15.05 -19.55
CA GLU B 131 -5.94 -14.25 -20.52
C GLU B 131 -7.37 -14.75 -20.80
N GLU B 132 -7.60 -16.08 -20.80
CA GLU B 132 -8.94 -16.62 -21.00
C GLU B 132 -9.81 -16.43 -19.72
N ALA B 133 -9.46 -17.13 -18.61
CA ALA B 133 -10.19 -17.14 -17.34
C ALA B 133 -10.33 -15.77 -16.64
N HIS B 134 -9.26 -14.96 -16.57
CA HIS B 134 -9.31 -13.68 -15.83
C HIS B 134 -10.12 -12.61 -16.56
N LYS B 135 -10.06 -12.58 -17.90
CA LYS B 135 -10.84 -11.61 -18.70
C LYS B 135 -12.32 -12.00 -18.74
N LYS B 136 -12.63 -13.33 -18.78
CA LYS B 136 -14.01 -13.85 -18.79
C LYS B 136 -14.75 -13.49 -17.50
N ALA B 137 -14.02 -13.49 -16.37
CA ALA B 137 -14.55 -13.14 -15.04
C ALA B 137 -14.93 -11.65 -14.91
N GLU B 138 -14.29 -10.77 -15.72
CA GLU B 138 -14.50 -9.30 -15.70
C GLU B 138 -15.47 -8.75 -16.78
N VAL B 139 -16.15 -9.64 -17.55
CA VAL B 139 -17.11 -9.27 -18.61
C VAL B 139 -18.27 -8.40 -18.06
N GLY B 140 -18.78 -8.78 -16.87
CA GLY B 140 -19.86 -8.07 -16.18
C GLY B 140 -19.54 -6.62 -15.83
N ILE B 141 -18.43 -6.39 -15.09
CA ILE B 141 -17.98 -5.06 -14.65
C ILE B 141 -17.51 -4.19 -15.83
N ALA B 142 -17.06 -4.83 -16.94
CA ALA B 142 -16.65 -4.14 -18.16
C ALA B 142 -17.79 -3.24 -18.69
N THR B 143 -19.06 -3.63 -18.41
CA THR B 143 -20.23 -2.82 -18.76
C THR B 143 -20.75 -2.04 -17.54
N SER B 144 -20.99 -2.72 -16.40
CA SER B 144 -21.55 -2.10 -15.18
C SER B 144 -20.76 -0.90 -14.61
N ILE B 145 -19.41 -0.97 -14.61
CA ILE B 145 -18.59 0.15 -14.10
C ILE B 145 -17.65 0.73 -15.18
N GLY B 146 -17.80 0.28 -16.42
CA GLY B 146 -16.93 0.70 -17.51
C GLY B 146 -15.50 0.22 -17.32
N SER B 147 -15.32 -0.90 -16.58
CA SER B 147 -14.02 -1.53 -16.30
C SER B 147 -13.34 -1.87 -17.65
N THR B 148 -12.01 -1.81 -17.71
CA THR B 148 -11.27 -2.19 -18.92
C THR B 148 -11.47 -3.71 -19.25
N GLY B 149 -11.87 -4.49 -18.23
CA GLY B 149 -12.13 -5.93 -18.31
C GLY B 149 -10.91 -6.73 -18.73
N GLN B 150 -9.71 -6.27 -18.31
CA GLN B 150 -8.44 -6.88 -18.70
C GLN B 150 -8.01 -8.04 -17.80
N GLY B 151 -8.81 -8.36 -16.79
CA GLY B 151 -8.54 -9.47 -15.89
C GLY B 151 -7.69 -9.13 -14.68
N SER B 152 -7.36 -7.83 -14.50
CA SER B 152 -6.52 -7.30 -13.41
C SER B 152 -6.96 -7.75 -12.00
N MET B 153 -8.23 -7.49 -11.63
CA MET B 153 -8.78 -7.86 -10.33
C MET B 153 -8.97 -9.39 -10.19
N ALA B 154 -9.46 -10.08 -11.25
CA ALA B 154 -9.66 -11.54 -11.22
C ALA B 154 -8.35 -12.27 -10.94
N ALA B 155 -7.23 -11.77 -11.54
CA ALA B 155 -5.89 -12.31 -11.33
C ALA B 155 -5.44 -12.03 -9.87
N MET B 156 -5.66 -10.78 -9.40
CA MET B 156 -5.35 -10.32 -8.04
C MET B 156 -6.06 -11.22 -6.98
N VAL B 157 -7.36 -11.53 -7.22
CA VAL B 157 -8.20 -12.34 -6.35
C VAL B 157 -7.66 -13.77 -6.25
N GLU B 158 -7.25 -14.36 -7.40
CA GLU B 158 -6.69 -15.70 -7.45
C GLU B 158 -5.42 -15.80 -6.59
N LYS B 159 -4.56 -14.76 -6.64
CA LYS B 159 -3.35 -14.68 -5.81
C LYS B 159 -3.74 -14.60 -4.30
N LEU B 160 -4.76 -13.80 -3.98
CA LEU B 160 -5.25 -13.58 -2.61
C LEU B 160 -5.85 -14.82 -1.96
N GLN B 161 -6.35 -15.76 -2.78
CA GLN B 161 -6.97 -17.00 -2.31
C GLN B 161 -5.97 -17.93 -1.60
N ARG B 162 -4.65 -17.81 -1.94
CA ARG B 162 -3.52 -18.50 -1.29
C ARG B 162 -3.74 -20.03 -1.13
N ASP B 163 -4.23 -20.69 -2.21
CA ASP B 163 -4.46 -22.12 -2.24
C ASP B 163 -3.10 -22.79 -2.49
N PRO B 164 -2.57 -23.62 -1.55
CA PRO B 164 -1.25 -24.24 -1.77
C PRO B 164 -1.16 -25.19 -2.97
N THR B 165 -2.31 -25.67 -3.48
CA THR B 165 -2.32 -26.55 -4.65
C THR B 165 -2.23 -25.74 -5.96
N ASN B 166 -2.46 -24.42 -5.90
CA ASN B 166 -2.40 -23.58 -7.10
C ASN B 166 -0.97 -23.03 -7.38
N ASN B 167 -0.26 -23.70 -8.30
CA ASN B 167 1.10 -23.35 -8.73
C ASN B 167 1.09 -22.59 -10.09
N THR B 168 -0.07 -21.98 -10.45
CA THR B 168 -0.24 -21.31 -11.74
C THR B 168 -0.51 -19.79 -11.64
N ILE B 169 -0.40 -19.20 -10.43
CA ILE B 169 -0.74 -17.78 -10.32
C ILE B 169 0.48 -16.84 -10.09
N VAL B 170 1.43 -17.19 -9.18
CA VAL B 170 2.59 -16.33 -8.94
C VAL B 170 3.76 -16.71 -9.86
N ALA B 171 4.54 -15.70 -10.31
CA ALA B 171 5.69 -15.84 -11.22
C ALA B 171 6.68 -16.93 -10.80
N ARG B 172 6.99 -17.03 -9.49
CA ARG B 172 7.88 -18.02 -8.90
C ARG B 172 7.46 -19.46 -9.29
N ASP B 173 6.16 -19.79 -9.16
CA ASP B 173 5.61 -21.11 -9.46
C ASP B 173 5.48 -21.36 -10.96
N VAL B 174 5.05 -20.34 -11.72
CA VAL B 174 4.85 -20.38 -13.18
C VAL B 174 6.21 -20.61 -13.87
N ALA B 175 7.29 -19.97 -13.35
CA ALA B 175 8.68 -20.09 -13.86
C ALA B 175 9.19 -21.55 -13.88
N GLN B 176 8.58 -22.46 -13.06
CA GLN B 176 8.96 -23.87 -12.97
C GLN B 176 8.48 -24.73 -14.13
N TYR B 177 7.49 -24.26 -14.91
CA TYR B 177 6.97 -25.01 -16.07
C TYR B 177 6.94 -24.18 -17.37
N ASP B 178 7.01 -22.84 -17.23
CA ASP B 178 7.01 -21.94 -18.38
C ASP B 178 8.36 -21.23 -18.37
N GLY B 179 9.29 -21.77 -19.17
CA GLY B 179 10.66 -21.31 -19.28
C GLY B 179 10.90 -19.93 -19.86
N ARG B 180 9.86 -19.31 -20.44
CA ARG B 180 9.93 -17.97 -21.03
C ARG B 180 10.27 -16.90 -19.98
N ILE B 181 9.93 -17.15 -18.70
CA ILE B 181 10.16 -16.20 -17.61
C ILE B 181 11.16 -16.70 -16.56
N ALA B 182 11.58 -17.99 -16.62
CA ALA B 182 12.51 -18.63 -15.67
C ALA B 182 13.82 -17.86 -15.42
N GLN B 183 14.41 -17.28 -16.49
CA GLN B 183 15.64 -16.47 -16.39
C GLN B 183 15.41 -15.12 -15.67
N TYR B 184 14.16 -14.60 -15.70
CA TYR B 184 13.84 -13.29 -15.14
C TYR B 184 13.33 -13.30 -13.71
N VAL B 185 12.64 -14.38 -13.30
CA VAL B 185 12.07 -14.49 -11.95
C VAL B 185 13.20 -14.60 -10.90
N CYS B 186 13.24 -13.64 -9.96
CA CYS B 186 14.26 -13.58 -8.91
C CYS B 186 13.70 -14.03 -7.56
N THR B 187 14.52 -13.97 -6.50
CA THR B 187 14.07 -14.26 -5.14
C THR B 187 13.76 -12.89 -4.46
N VAL B 188 13.14 -12.90 -3.26
CA VAL B 188 12.86 -11.67 -2.50
C VAL B 188 14.22 -11.03 -2.08
N GLU B 189 15.21 -11.86 -1.70
CA GLU B 189 16.56 -11.40 -1.35
C GLU B 189 17.24 -10.65 -2.52
N GLU B 190 17.18 -11.22 -3.75
CA GLU B 190 17.70 -10.62 -4.98
C GLU B 190 17.02 -9.28 -5.27
N TRP B 191 15.69 -9.19 -5.00
CA TRP B 191 14.90 -7.98 -5.18
C TRP B 191 15.41 -6.84 -4.27
N ASP B 192 15.57 -7.11 -2.96
CA ASP B 192 16.08 -6.13 -1.98
C ASP B 192 17.51 -5.68 -2.30
N MET B 193 18.37 -6.62 -2.76
CA MET B 193 19.77 -6.37 -3.13
C MET B 193 19.88 -5.52 -4.39
N ALA B 194 18.99 -5.75 -5.38
CA ALA B 194 18.93 -4.99 -6.63
C ALA B 194 18.62 -3.52 -6.33
N LEU B 195 17.67 -3.25 -5.41
CA LEU B 195 17.29 -1.90 -4.97
C LEU B 195 18.42 -1.25 -4.17
N MET B 196 19.11 -2.04 -3.32
CA MET B 196 20.24 -1.58 -2.50
C MET B 196 21.46 -1.21 -3.36
N ALA B 197 21.75 -2.00 -4.43
CA ALA B 197 22.88 -1.79 -5.34
C ALA B 197 22.64 -0.64 -6.35
N SER B 198 21.37 -0.22 -6.52
CA SER B 198 21.00 0.85 -7.45
C SER B 198 21.54 2.21 -7.02
N GLU B 199 21.97 3.02 -8.01
CA GLU B 199 22.47 4.37 -7.76
C GLU B 199 21.31 5.39 -7.80
N ARG B 200 20.50 5.35 -8.87
CA ARG B 200 19.34 6.24 -9.05
C ARG B 200 18.19 5.45 -9.65
N ILE B 201 17.01 5.58 -9.01
CA ILE B 201 15.81 4.82 -9.38
C ILE B 201 14.64 5.68 -9.87
N LEU B 202 14.03 5.25 -11.00
CA LEU B 202 12.80 5.81 -11.54
C LEU B 202 11.69 4.77 -11.30
N ALA B 203 10.72 5.13 -10.41
CA ALA B 203 9.55 4.31 -10.09
C ALA B 203 8.33 4.86 -10.84
N GLU B 204 7.71 4.02 -11.67
CA GLU B 204 6.59 4.42 -12.52
C GLU B 204 5.24 3.94 -12.02
N GLY B 205 4.44 4.88 -11.54
CA GLY B 205 3.08 4.60 -11.08
C GLY B 205 2.14 4.52 -12.26
N ALA B 206 0.96 3.96 -12.03
CA ALA B 206 -0.04 3.80 -13.08
C ALA B 206 -1.41 4.35 -12.67
N GLN B 207 -2.38 4.34 -13.62
CA GLN B 207 -3.79 4.69 -13.42
C GLN B 207 -3.94 6.14 -12.91
N GLY B 208 -4.76 6.41 -11.91
CA GLY B 208 -4.96 7.77 -11.42
C GLY B 208 -5.42 7.91 -9.99
N PHE B 209 -5.07 9.03 -9.34
CA PHE B 209 -5.46 9.32 -7.96
C PHE B 209 -6.96 9.09 -7.70
N SER B 210 -7.83 9.68 -8.53
CA SER B 210 -9.29 9.60 -8.40
C SER B 210 -9.89 8.23 -8.73
N LEU B 211 -9.10 7.34 -9.36
CA LEU B 211 -9.49 5.96 -9.65
C LEU B 211 -9.20 5.05 -8.45
N SER B 212 -8.49 5.57 -7.42
CA SER B 212 -8.16 4.79 -6.22
C SER B 212 -9.39 4.10 -5.66
N LEU B 213 -9.23 2.82 -5.29
CA LEU B 213 -10.25 1.99 -4.65
C LEU B 213 -10.89 2.73 -3.46
N ASN B 214 -10.09 3.54 -2.72
CA ASN B 214 -10.55 4.22 -1.52
C ASN B 214 -10.79 5.73 -1.67
N GLN B 215 -10.93 6.20 -2.93
CA GLN B 215 -11.40 7.56 -3.17
C GLN B 215 -12.95 7.51 -3.24
N GLU B 216 -13.64 8.64 -3.40
CA GLU B 216 -15.10 8.72 -3.24
C GLU B 216 -16.02 8.11 -4.35
N PHE B 217 -15.46 7.61 -5.46
CA PHE B 217 -16.28 7.13 -6.56
C PHE B 217 -16.66 5.64 -6.51
N TYR B 218 -16.15 4.87 -5.51
CA TYR B 218 -16.44 3.45 -5.31
C TYR B 218 -17.93 3.13 -5.57
N PRO B 219 -18.29 2.09 -6.36
CA PRO B 219 -17.43 1.05 -6.99
C PRO B 219 -16.85 1.41 -8.37
N TYR B 220 -16.99 2.68 -8.80
CA TYR B 220 -16.52 3.18 -10.10
C TYR B 220 -15.09 3.66 -9.93
N CYS B 221 -14.19 2.68 -9.78
CA CYS B 221 -12.78 2.83 -9.44
C CYS B 221 -12.02 1.56 -9.81
N THR B 222 -10.68 1.60 -9.66
CA THR B 222 -9.83 0.43 -9.88
C THR B 222 -9.73 -0.44 -8.58
N SER B 223 -8.98 -1.55 -8.68
CA SER B 223 -8.84 -2.59 -7.63
C SER B 223 -7.75 -2.30 -6.56
N ARG B 224 -7.21 -1.08 -6.51
CA ARG B 224 -6.20 -0.67 -5.52
C ARG B 224 -6.16 0.84 -5.39
N ASP B 225 -5.43 1.33 -4.39
CA ASP B 225 -5.18 2.76 -4.23
C ASP B 225 -4.07 3.16 -5.21
N CYS B 226 -4.18 4.34 -5.80
CA CYS B 226 -3.18 4.84 -6.75
C CYS B 226 -2.52 6.04 -6.11
N THR B 227 -1.85 5.78 -5.00
CA THR B 227 -1.21 6.81 -4.20
C THR B 227 0.28 6.48 -4.09
N PRO B 228 1.17 7.47 -3.79
CA PRO B 228 2.59 7.15 -3.59
C PRO B 228 2.85 6.03 -2.56
N ALA B 229 2.08 5.98 -1.45
CA ALA B 229 2.24 4.95 -0.41
C ALA B 229 1.93 3.55 -0.96
N ARG B 230 0.82 3.38 -1.71
CA ARG B 230 0.49 2.09 -2.34
C ARG B 230 1.48 1.69 -3.45
N PHE B 231 1.94 2.65 -4.29
CA PHE B 231 2.88 2.33 -5.36
C PHE B 231 4.26 1.93 -4.81
N LEU B 232 4.73 2.58 -3.73
CA LEU B 232 5.98 2.19 -3.07
C LEU B 232 5.82 0.81 -2.41
N ALA B 233 4.64 0.53 -1.81
CA ALA B 233 4.37 -0.78 -1.20
C ALA B 233 4.33 -1.90 -2.28
N ASP B 234 3.66 -1.65 -3.44
CA ASP B 234 3.54 -2.62 -4.54
C ASP B 234 4.85 -2.92 -5.29
N MET B 235 5.88 -2.05 -5.09
CA MET B 235 7.21 -2.15 -5.69
C MET B 235 8.26 -2.57 -4.65
N GLY B 236 7.84 -2.73 -3.40
CA GLY B 236 8.69 -3.11 -2.29
C GLY B 236 9.80 -2.13 -1.98
N ILE B 237 9.55 -0.83 -2.25
CA ILE B 237 10.53 0.23 -2.02
C ILE B 237 10.40 0.75 -0.59
N PRO B 238 11.46 0.68 0.25
CA PRO B 238 11.38 1.28 1.60
C PRO B 238 11.17 2.80 1.53
N LEU B 239 10.30 3.35 2.41
CA LEU B 239 9.97 4.81 2.47
C LEU B 239 11.20 5.76 2.48
N PRO B 240 12.32 5.49 3.23
CA PRO B 240 13.47 6.43 3.16
C PRO B 240 14.18 6.54 1.81
N MET B 241 13.85 5.67 0.84
CA MET B 241 14.45 5.72 -0.49
C MET B 241 13.84 6.80 -1.38
N LEU B 242 12.63 7.29 -1.04
CA LEU B 242 11.94 8.31 -1.81
C LEU B 242 12.68 9.66 -1.83
N ASN B 243 13.09 10.09 -3.02
CA ASN B 243 13.76 11.37 -3.24
C ASN B 243 12.69 12.43 -3.57
N LYS B 244 11.92 12.20 -4.64
CA LYS B 244 10.86 13.13 -5.04
C LYS B 244 9.72 12.43 -5.79
N VAL B 245 8.56 13.11 -5.78
CA VAL B 245 7.30 12.70 -6.40
C VAL B 245 7.00 13.69 -7.53
N ILE B 246 6.77 13.16 -8.73
CA ILE B 246 6.42 13.94 -9.91
C ILE B 246 4.98 13.62 -10.25
N GLY B 247 4.09 14.55 -9.92
CA GLY B 247 2.66 14.44 -10.20
C GLY B 247 2.33 14.86 -11.62
N THR B 248 1.41 14.15 -12.25
CA THR B 248 1.00 14.44 -13.62
C THR B 248 -0.48 14.81 -13.68
N ALA B 249 -0.81 15.75 -14.57
CA ALA B 249 -2.16 16.27 -14.79
C ALA B 249 -2.38 16.71 -16.23
N ARG B 250 -3.65 16.75 -16.65
CA ARG B 250 -4.14 17.24 -17.96
C ARG B 250 -4.94 18.52 -17.68
N CYS B 251 -5.07 19.38 -18.70
CA CYS B 251 -5.87 20.60 -18.65
C CYS B 251 -7.36 20.25 -18.64
N HIS B 252 -7.73 19.14 -19.30
CA HIS B 252 -9.08 18.60 -19.36
C HIS B 252 -9.00 17.14 -18.91
N PRO B 253 -9.26 16.81 -17.62
CA PRO B 253 -9.18 15.40 -17.18
C PRO B 253 -10.14 14.48 -17.94
N ILE B 254 -9.77 13.20 -18.08
CA ILE B 254 -10.61 12.26 -18.83
C ILE B 254 -11.11 11.10 -17.95
N ARG B 255 -11.99 10.26 -18.51
CA ARG B 255 -12.48 9.00 -17.96
C ARG B 255 -12.65 8.07 -19.17
N VAL B 256 -12.74 6.74 -18.94
CA VAL B 256 -12.97 5.78 -20.03
C VAL B 256 -14.47 5.88 -20.45
N GLY B 257 -14.80 5.39 -21.64
CA GLY B 257 -16.17 5.41 -22.14
C GLY B 257 -17.12 4.51 -21.36
N GLY B 258 -18.39 4.85 -21.42
CA GLY B 258 -19.45 4.09 -20.75
C GLY B 258 -19.82 4.64 -19.39
N THR B 259 -20.50 3.80 -18.58
CA THR B 259 -20.95 4.16 -17.23
C THR B 259 -19.75 3.97 -16.27
N SER B 260 -18.70 4.81 -16.47
CA SER B 260 -17.43 4.77 -15.77
C SER B 260 -17.34 5.59 -14.45
N GLY B 261 -18.45 6.20 -14.04
CA GLY B 261 -18.51 6.92 -12.78
C GLY B 261 -18.72 8.43 -12.82
N GLY B 262 -18.86 9.00 -11.63
CA GLY B 262 -19.10 10.42 -11.45
C GLY B 262 -17.88 11.32 -11.59
N HIS B 263 -18.09 12.63 -11.39
CA HIS B 263 -17.04 13.64 -11.44
C HIS B 263 -17.14 14.51 -10.18
N TYR B 264 -16.26 15.49 -10.03
CA TYR B 264 -16.26 16.38 -8.86
C TYR B 264 -17.33 17.51 -9.00
N PRO B 265 -17.80 18.14 -7.87
CA PRO B 265 -18.88 19.15 -7.99
C PRO B 265 -18.56 20.41 -8.79
N ASP B 266 -17.28 20.74 -8.94
CA ASP B 266 -16.78 21.92 -9.65
C ASP B 266 -16.38 21.64 -11.13
N GLN B 267 -16.80 20.52 -11.69
CA GLN B 267 -16.45 20.20 -13.07
C GLN B 267 -17.64 19.70 -13.86
N GLU B 268 -17.55 19.76 -15.19
CA GLU B 268 -18.61 19.37 -16.10
C GLU B 268 -18.08 18.51 -17.22
N GLU B 269 -18.90 17.57 -17.71
CA GLU B 269 -18.52 16.72 -18.83
C GLU B 269 -18.65 17.50 -20.13
N LEU B 270 -17.58 17.48 -20.94
CA LEU B 270 -17.53 18.16 -22.22
C LEU B 270 -17.57 17.13 -23.36
N THR B 271 -17.52 17.60 -24.61
CA THR B 271 -17.46 16.75 -25.79
C THR B 271 -16.14 17.06 -26.51
N TRP B 272 -15.63 16.12 -27.34
CA TRP B 272 -14.43 16.31 -28.14
C TRP B 272 -14.64 17.39 -29.22
N GLU B 273 -15.90 17.51 -29.71
CA GLU B 273 -16.34 18.52 -30.69
C GLU B 273 -16.28 19.94 -30.07
N GLN B 274 -16.67 20.06 -28.79
CA GLN B 274 -16.63 21.31 -28.01
C GLN B 274 -15.19 21.83 -27.84
N LEU B 275 -14.22 20.91 -27.78
CA LEU B 275 -12.79 21.25 -27.62
C LEU B 275 -12.09 21.48 -28.96
N GLY B 276 -12.70 21.01 -30.05
CA GLY B 276 -12.16 21.12 -31.39
C GLY B 276 -10.97 20.20 -31.60
N GLN B 277 -11.00 19.03 -30.94
CA GLN B 277 -9.94 18.02 -31.00
C GLN B 277 -10.50 16.66 -31.45
N VAL B 278 -9.63 15.83 -32.04
CA VAL B 278 -9.95 14.49 -32.53
C VAL B 278 -10.30 13.57 -31.35
N PRO B 279 -11.46 12.85 -31.39
CA PRO B 279 -11.84 11.99 -30.24
C PRO B 279 -10.81 10.95 -29.84
N GLU B 280 -10.38 11.01 -28.57
CA GLU B 280 -9.43 10.08 -27.99
C GLU B 280 -10.09 8.73 -27.73
N LEU B 281 -9.35 7.65 -28.00
CA LEU B 281 -9.83 6.27 -27.80
C LEU B 281 -8.97 5.56 -26.77
N THR B 282 -9.61 4.80 -25.85
CA THR B 282 -8.94 4.04 -24.79
C THR B 282 -7.98 2.99 -25.36
N THR B 283 -6.77 2.88 -24.77
CA THR B 283 -5.66 1.99 -25.16
C THR B 283 -6.03 0.50 -25.16
N VAL B 284 -6.45 -0.06 -23.99
CA VAL B 284 -6.81 -1.47 -23.81
C VAL B 284 -8.06 -1.88 -24.61
N THR B 285 -9.09 -1.00 -24.65
CA THR B 285 -10.34 -1.24 -25.37
C THR B 285 -10.30 -0.56 -26.76
N LYS B 286 -11.36 0.19 -27.13
CA LYS B 286 -11.49 0.93 -28.40
C LYS B 286 -12.51 2.06 -28.23
N LYS B 287 -13.15 2.13 -27.05
CA LYS B 287 -14.17 3.12 -26.67
C LYS B 287 -13.66 4.56 -26.62
N VAL B 288 -14.55 5.52 -26.91
CA VAL B 288 -14.28 6.96 -26.88
C VAL B 288 -14.16 7.40 -25.42
N ARG B 289 -13.07 8.15 -25.10
CA ARG B 289 -12.84 8.68 -23.77
C ARG B 289 -13.84 9.79 -23.45
N ARG B 290 -14.31 9.82 -22.19
CA ARG B 290 -15.16 10.88 -21.64
C ARG B 290 -14.19 12.01 -21.27
N VAL B 291 -14.56 13.27 -21.50
CA VAL B 291 -13.66 14.39 -21.19
C VAL B 291 -14.38 15.42 -20.30
N PHE B 292 -13.65 16.00 -19.34
CA PHE B 292 -14.20 16.94 -18.36
C PHE B 292 -13.40 18.23 -18.26
N SER B 293 -14.00 19.28 -17.67
CA SER B 293 -13.31 20.54 -17.41
C SER B 293 -12.35 20.33 -16.20
N PHE B 294 -11.34 21.21 -16.06
CA PHE B 294 -10.40 21.11 -14.95
C PHE B 294 -11.12 21.25 -13.59
N SER B 295 -10.76 20.39 -12.62
CA SER B 295 -11.33 20.43 -11.26
C SER B 295 -10.28 20.85 -10.23
N PHE B 296 -10.54 21.98 -9.54
CA PHE B 296 -9.66 22.51 -8.48
C PHE B 296 -9.80 21.62 -7.22
N ILE B 297 -11.05 21.13 -6.95
CA ILE B 297 -11.36 20.20 -5.82
C ILE B 297 -10.51 18.94 -5.93
N GLN B 298 -10.48 18.31 -7.14
CA GLN B 298 -9.70 17.11 -7.48
C GLN B 298 -8.22 17.38 -7.22
N MET B 299 -7.74 18.57 -7.64
CA MET B 299 -6.36 18.98 -7.47
C MET B 299 -5.98 19.11 -5.99
N GLN B 300 -6.86 19.73 -5.15
CA GLN B 300 -6.62 19.86 -3.69
C GLN B 300 -6.51 18.49 -3.00
N LYS B 301 -7.42 17.56 -3.38
CA LYS B 301 -7.48 16.18 -2.86
C LYS B 301 -6.23 15.41 -3.26
N ALA B 302 -5.86 15.48 -4.55
CA ALA B 302 -4.66 14.84 -5.09
C ALA B 302 -3.40 15.40 -4.44
N MET B 303 -3.34 16.73 -4.22
CA MET B 303 -2.22 17.42 -3.59
C MET B 303 -2.05 17.01 -2.14
N TRP B 304 -3.16 16.97 -1.38
CA TRP B 304 -3.16 16.57 0.02
C TRP B 304 -2.58 15.16 0.22
N THR B 305 -3.06 14.18 -0.54
CA THR B 305 -2.63 12.79 -0.41
C THR B 305 -1.29 12.51 -1.10
N CYS B 306 -1.15 12.87 -2.38
CA CYS B 306 0.02 12.54 -3.19
C CYS B 306 1.24 13.38 -2.88
N GLN B 307 1.03 14.61 -2.39
CA GLN B 307 2.08 15.56 -1.98
C GLN B 307 3.25 15.64 -3.01
N PRO B 308 2.99 15.89 -4.33
CA PRO B 308 4.10 15.93 -5.29
C PRO B 308 5.10 17.07 -5.04
N ASP B 309 6.35 16.88 -5.47
CA ASP B 309 7.38 17.91 -5.32
C ASP B 309 7.45 18.74 -6.58
N GLU B 310 7.10 18.11 -7.71
CA GLU B 310 7.10 18.67 -9.06
C GLU B 310 5.87 18.18 -9.80
N VAL B 311 5.39 19.00 -10.73
CA VAL B 311 4.22 18.69 -11.54
C VAL B 311 4.53 18.77 -13.03
N PHE B 312 3.93 17.86 -13.80
CA PHE B 312 3.93 17.84 -15.25
C PHE B 312 2.48 18.14 -15.68
N LEU B 313 2.24 19.29 -16.31
CA LEU B 313 0.91 19.65 -16.82
C LEU B 313 0.91 19.41 -18.32
N ASN B 314 0.19 18.38 -18.72
CA ASN B 314 0.13 17.92 -20.11
C ASN B 314 -1.18 18.30 -20.82
N PHE B 315 -1.20 18.12 -22.17
CA PHE B 315 -2.31 18.42 -23.08
C PHE B 315 -2.63 19.94 -23.09
N CYS B 316 -1.58 20.77 -22.93
CA CYS B 316 -1.67 22.23 -22.99
C CYS B 316 -1.99 22.67 -24.42
N ASN B 317 -1.70 21.78 -25.42
CA ASN B 317 -2.02 21.95 -26.85
C ASN B 317 -3.53 22.07 -27.12
N TYR B 318 -4.37 21.66 -26.14
CA TYR B 318 -5.85 21.71 -26.21
C TYR B 318 -6.41 23.09 -25.81
N LEU B 319 -5.56 23.94 -25.22
CA LEU B 319 -5.91 25.28 -24.73
C LEU B 319 -5.03 26.38 -25.32
N SER B 320 -5.49 27.64 -25.18
CA SER B 320 -4.76 28.84 -25.58
C SER B 320 -3.78 29.18 -24.43
N PRO B 321 -2.70 29.99 -24.66
CA PRO B 321 -1.75 30.30 -23.56
C PRO B 321 -2.40 30.76 -22.25
N MET B 322 -3.37 31.71 -22.30
CA MET B 322 -4.10 32.21 -21.12
C MET B 322 -4.77 31.08 -20.33
N GLY B 323 -5.35 30.13 -21.06
CA GLY B 323 -6.01 28.94 -20.50
C GLY B 323 -5.10 28.02 -19.73
N TRP B 324 -3.99 27.53 -20.35
CA TRP B 324 -3.09 26.61 -19.63
C TRP B 324 -2.27 27.34 -18.54
N GLN B 325 -1.95 28.64 -18.73
CA GLN B 325 -1.23 29.45 -17.73
C GLN B 325 -2.09 29.61 -16.46
N ASP B 326 -3.42 29.72 -16.62
CA ASP B 326 -4.37 29.82 -15.50
C ASP B 326 -4.43 28.50 -14.74
N ILE B 327 -4.40 27.36 -15.47
CA ILE B 327 -4.41 26.02 -14.88
C ILE B 327 -3.12 25.78 -14.07
N VAL B 328 -1.94 26.23 -14.57
CA VAL B 328 -0.63 26.10 -13.87
C VAL B 328 -0.77 26.78 -12.51
N HIS B 329 -1.34 27.95 -12.57
CA HIS B 329 -1.63 28.82 -11.47
C HIS B 329 -2.58 28.23 -10.40
N GLN B 330 -3.69 27.61 -10.86
CA GLN B 330 -4.66 26.95 -9.99
C GLN B 330 -4.01 25.78 -9.24
N ILE B 331 -3.18 24.97 -9.96
CA ILE B 331 -2.46 23.81 -9.44
C ILE B 331 -1.54 24.19 -8.26
N GLU B 332 -0.76 25.27 -8.43
CA GLU B 332 0.21 25.74 -7.44
C GLU B 332 -0.46 26.29 -6.17
N VAL B 333 -1.63 26.96 -6.31
CA VAL B 333 -2.37 27.46 -5.15
C VAL B 333 -3.09 26.29 -4.46
N ALA B 334 -3.59 25.28 -5.25
CA ALA B 334 -4.23 24.08 -4.69
C ALA B 334 -3.22 23.30 -3.84
N ALA B 335 -1.93 23.28 -4.28
CA ALA B 335 -0.82 22.62 -3.60
C ALA B 335 -0.56 23.33 -2.26
N GLN B 336 -0.35 24.66 -2.31
CA GLN B 336 -0.11 25.53 -1.16
C GLN B 336 -1.22 25.39 -0.08
N SER B 337 -2.49 25.27 -0.51
CA SER B 337 -3.65 25.13 0.39
C SER B 337 -3.65 23.79 1.15
N ARG B 338 -2.95 22.79 0.62
CA ARG B 338 -2.87 21.45 1.21
C ARG B 338 -1.47 21.13 1.72
N TYR B 339 -0.72 22.20 2.13
CA TYR B 339 0.63 22.17 2.70
C TYR B 339 1.67 21.52 1.79
N CYS B 340 1.45 21.58 0.47
CA CYS B 340 2.30 20.98 -0.54
C CYS B 340 3.11 22.05 -1.29
N ASP B 341 4.44 21.83 -1.40
CA ASP B 341 5.38 22.74 -2.06
C ASP B 341 5.51 22.52 -3.58
N ALA B 342 4.58 21.77 -4.21
CA ALA B 342 4.60 21.45 -5.64
C ALA B 342 4.74 22.66 -6.57
N GLU B 343 5.66 22.51 -7.53
CA GLU B 343 5.94 23.48 -8.58
C GLU B 343 5.68 22.78 -9.91
N VAL B 344 4.98 23.47 -10.84
CA VAL B 344 4.74 22.96 -12.19
C VAL B 344 6.08 23.26 -12.91
N LYS B 345 6.87 22.21 -13.14
CA LYS B 345 8.19 22.29 -13.76
C LYS B 345 8.13 21.97 -15.27
N TYR B 346 7.19 21.10 -15.68
CA TYR B 346 7.06 20.69 -17.07
C TYR B 346 5.69 20.94 -17.67
N LEU B 347 5.68 21.32 -18.97
CA LEU B 347 4.46 21.54 -19.75
C LEU B 347 4.49 20.72 -21.05
N GLY B 348 3.44 19.93 -21.28
CA GLY B 348 3.30 19.08 -22.45
C GLY B 348 2.44 19.68 -23.54
N PHE B 349 2.97 19.73 -24.78
CA PHE B 349 2.30 20.31 -25.94
C PHE B 349 2.11 19.30 -27.09
N GLY B 350 2.28 18.01 -26.77
CA GLY B 350 2.15 16.91 -27.72
C GLY B 350 2.61 15.60 -27.12
N PRO B 351 2.59 14.49 -27.92
CA PRO B 351 2.94 13.17 -27.34
C PRO B 351 4.40 12.75 -27.36
N THR B 352 5.30 13.60 -27.90
CA THR B 352 6.71 13.24 -28.02
C THR B 352 7.63 13.95 -27.01
N PHE B 353 8.88 13.46 -26.87
CA PHE B 353 9.94 14.03 -26.04
C PHE B 353 10.13 15.53 -26.36
N ASN B 354 10.05 15.89 -27.64
CA ASN B 354 10.22 17.25 -28.16
C ASN B 354 9.13 18.24 -27.72
N ASP B 355 7.97 17.71 -27.34
CA ASP B 355 6.80 18.46 -26.90
C ASP B 355 6.80 18.75 -25.40
N VAL B 356 7.83 18.25 -24.65
CA VAL B 356 7.97 18.53 -23.22
C VAL B 356 8.82 19.78 -23.06
N GLU B 357 8.21 20.82 -22.51
CA GLU B 357 8.86 22.11 -22.30
C GLU B 357 9.03 22.36 -20.82
N LEU B 358 10.04 23.16 -20.47
CA LEU B 358 10.24 23.59 -19.10
C LEU B 358 9.31 24.78 -18.93
N ARG B 359 8.51 24.80 -17.83
CA ARG B 359 7.56 25.88 -17.54
C ARG B 359 8.25 27.26 -17.59
N GLU B 360 9.43 27.37 -16.94
CA GLU B 360 10.29 28.54 -16.85
C GLU B 360 10.63 29.18 -18.22
N ASP B 361 10.68 28.36 -19.29
CA ASP B 361 11.00 28.79 -20.66
C ASP B 361 9.79 29.31 -21.46
N VAL B 362 8.55 28.92 -21.09
CA VAL B 362 7.34 29.31 -21.85
C VAL B 362 6.39 30.28 -21.08
N MET B 363 6.61 30.52 -19.77
CA MET B 363 5.78 31.43 -18.96
C MET B 363 6.54 31.99 -17.74
NA HDA C . -6.00 -14.30 18.93
C HDA C . -5.47 -13.51 19.99
O HDA C . -4.70 -14.06 20.74
OB HDA C . -4.97 -14.49 17.98
CB HDA C . -7.26 -13.89 18.36
CG HDA C . -8.46 -14.66 18.87
OD1 HDA C . -9.33 -14.13 19.52
OD2 HDA C . -8.47 -15.93 18.54
P DGP D . -5.01 -15.06 7.38
OP1 DGP D . -4.49 -13.76 6.89
OP2 DGP D . -5.98 -14.85 8.54
OP3 DGP D . -5.71 -15.86 6.27
O5' DGP D . -3.82 -16.00 7.86
C5' DGP D . -2.70 -16.44 7.05
C4' DGP D . -1.43 -16.52 7.86
O4' DGP D . -1.11 -15.22 8.40
C3' DGP D . -1.43 -17.48 9.04
O3' DGP D . -0.14 -18.08 9.21
C2' DGP D . -1.78 -16.58 10.22
C1' DGP D . -1.11 -15.27 9.83
N9 DGP D . -1.81 -14.07 10.34
C8 DGP D . -2.65 -13.23 9.64
N7 DGP D . -3.02 -12.17 10.33
C5 DGP D . -2.39 -12.33 11.56
C6 DGP D . -2.34 -11.47 12.74
O6 DGP D . -2.96 -10.44 12.95
N1 DGP D . -1.49 -11.98 13.72
C2 DGP D . -0.81 -13.16 13.64
N2 DGP D . -0.10 -13.53 14.72
N3 DGP D . -0.86 -13.98 12.58
C4 DGP D . -1.65 -13.50 11.58
CAC FLC E . 8.74 12.29 21.62
CA FLC E . 8.27 10.90 22.07
CB FLC E . 9.35 10.00 22.68
CBC FLC E . 9.96 10.63 23.95
CG FLC E . 8.68 8.66 23.05
CGC FLC E . 8.41 7.69 21.90
OA1 FLC E . 8.20 13.28 22.17
OA2 FLC E . 9.61 12.36 20.73
OB1 FLC E . 9.18 10.96 24.87
OB2 FLC E . 11.20 10.78 23.96
OG1 FLC E . 7.46 7.93 21.14
OG2 FLC E . 9.15 6.70 21.80
OHB FLC E . 10.38 9.75 21.74
PG ATP F . -1.19 -9.24 16.20
O1G ATP F . -2.68 -9.54 16.43
O2G ATP F . -0.46 -10.31 15.55
O3G ATP F . -1.05 -7.93 15.41
PB ATP F . 0.02 -7.94 18.60
O1B ATP F . -0.84 -6.74 18.62
O2B ATP F . 1.48 -7.65 18.23
O3B ATP F . -0.60 -9.08 17.66
PA ATP F . -0.74 -8.80 21.33
O1A ATP F . -0.90 -7.49 21.98
O2A ATP F . -2.09 -9.36 20.87
O3A ATP F . 0.13 -8.64 20.01
O5' ATP F . 0.18 -9.92 22.10
C5' ATP F . -0.06 -11.35 22.14
C4' ATP F . -0.26 -11.81 23.56
O4' ATP F . 0.97 -11.69 24.32
C3' ATP F . -1.33 -11.08 24.36
O3' ATP F . -2.15 -12.01 25.06
C2' ATP F . -0.51 -10.17 25.29
O2' ATP F . -1.18 -9.80 26.48
C1' ATP F . 0.70 -11.06 25.55
N9 ATP F . 1.91 -10.37 26.00
C8 ATP F . 2.47 -9.23 25.50
N7 ATP F . 3.66 -8.95 25.98
C5 ATP F . 3.91 -10.00 26.85
C6 ATP F . 5.06 -10.36 27.60
N6 ATP F . 6.22 -9.71 27.56
N1 ATP F . 4.98 -11.49 28.35
C2 ATP F . 3.86 -12.23 28.31
N3 ATP F . 2.73 -12.00 27.63
C4 ATP F . 2.83 -10.87 26.90
P DGP G . -10.49 -1.81 -13.98
OP1 DGP G . -11.50 -2.75 -13.39
OP2 DGP G . -9.31 -1.50 -13.04
OP3 DGP G . -9.96 -2.30 -15.32
O5' DGP G . -11.19 -0.43 -14.26
C5' DGP G . -12.17 0.23 -13.43
C4' DGP G . -12.11 1.72 -13.71
O4' DGP G . -10.75 2.19 -13.65
C3' DGP G . -12.65 2.14 -15.08
O3' DGP G . -13.34 3.38 -14.95
C2' DGP G . -11.38 2.29 -15.91
C1' DGP G . -10.40 2.81 -14.88
N9 DGP G . -8.99 2.46 -15.17
C8 DGP G . -8.24 1.44 -14.65
N7 DGP G . -6.97 1.51 -14.97
C5 DGP G . -6.87 2.65 -15.74
C6 DGP G . -5.73 3.32 -16.33
O6 DGP G . -4.56 3.00 -16.21
N1 DGP G . -6.10 4.46 -17.03
C2 DGP G . -7.37 4.93 -17.16
N2 DGP G . -7.54 6.00 -17.94
N3 DGP G . -8.43 4.35 -16.60
C4 DGP G . -8.11 3.23 -15.91
PG ATP H . -2.53 5.38 -17.50
O1G ATP H . -3.81 6.01 -17.03
O2G ATP H . -1.54 5.22 -16.40
O3G ATP H . -2.96 4.02 -18.14
PB ATP H . -0.73 7.29 -18.92
O1B ATP H . -0.78 8.41 -17.95
O2B ATP H . 0.61 6.56 -18.78
O3B ATP H . -1.94 6.27 -18.70
PA ATP H . -0.56 7.58 -21.88
O1A ATP H . 0.69 8.33 -22.38
O2A ATP H . -0.41 6.12 -22.05
O3A ATP H . -0.79 7.97 -20.37
O5' ATP H . -1.95 8.10 -22.54
C5' ATP H . -2.17 9.39 -23.15
C4' ATP H . -2.36 9.23 -24.64
O4' ATP H . -2.30 10.53 -25.27
C3' ATP H . -1.33 8.39 -25.40
O3' ATP H . -1.89 7.82 -26.58
C2' ATP H . -0.24 9.42 -25.68
O2' ATP H . 0.63 9.05 -26.74
C1' ATP H . -1.08 10.66 -25.99
N9 ATP H . -0.49 11.94 -25.62
C8 ATP H . 0.36 12.21 -24.57
N7 ATP H . 0.59 13.48 -24.37
C5 ATP H . -0.15 14.10 -25.37
C6 ATP H . -0.37 15.46 -25.67
N6 ATP H . 0.13 16.48 -24.97
N1 ATP H . -1.18 15.75 -26.73
C2 ATP H . -1.72 14.74 -27.42
N3 ATP H . -1.60 13.43 -27.21
C4 ATP H . -0.81 13.17 -26.16
#